data_5W1J
#
_entry.id   5W1J
#
_cell.length_a   108.740
_cell.length_b   108.740
_cell.length_c   257.064
_cell.angle_alpha   90.00
_cell.angle_beta   90.00
_cell.angle_gamma   90.00
#
_symmetry.space_group_name_H-M   'P 43 21 2'
#
loop_
_entity.id
_entity.type
_entity.pdbx_description
1 polymer 'Thioredoxin glutathione reductase'
2 non-polymer 'FLAVIN-ADENINE DINUCLEOTIDE'
#
_entity_poly.entity_id   1
_entity_poly.type   'polypeptide(L)'
_entity_poly.pdbx_seq_one_letter_code
;SAEQVEKLRNKINNAAVLVFAKSFCPYCKKVMERFNNLKIPFGYLDLDLKKNGSDYQKMLQEITGRTTVPQVFFRGEFIG
GCDDVMAIDDDTIVKKANEMKYDYDMVIIGGGSGGLALAKESAKSGAKVALLDFVVPTPMGTTWGLGGTCVNVGCIPKKL
MHQAALLNHYMEDAKSFGWDVDKGPHDWVKMVEGIQDHIHALNFGYRSSMMNANVKYLNALGEIVDPHTIKTTNKQGIVK
NITTNTIIVATGERPRYPPIPGAKEYGITSDDLFTLDHNPGKTLCVGASYVSLECAGFLSSIGCDVTVMVRSIFLRGFDQ
QMAGLISDYIAKYGVKFVRPCVPTSVRCLEEYDPESGKLAIYEVEGKHEDGTPFKDTFNTVLFAVGRDPCTTNIGLQNVD
VKTTNGRVVVDDEERTNVPNIYAIGDVSNAGYQLTPLAIQAGKNLARRLYTADDCRTDYTNVPTTVFTPLEYGCIGLSEE
NAISKFGEDNIEVFHSYFQPLEWTVPHRPDNTCYAKLIINKQDDNRVVGFHVFGPNAGEVTQGYAVAMHLGARKEDFDRT
IGIHPTCSETFTTLRVTKSSGASA
;
_entity_poly.pdbx_strand_id   A,B
#
loop_
_chem_comp.id
_chem_comp.type
_chem_comp.name
_chem_comp.formula
FAD non-polymer 'FLAVIN-ADENINE DINUCLEOTIDE' 'C27 H33 N9 O15 P2'
#
# COMPACT_ATOMS: atom_id res chain seq x y z
N SER A 1 -25.86 14.61 31.73
CA SER A 1 -24.47 15.05 31.62
C SER A 1 -23.95 15.22 33.07
N ALA A 2 -23.87 14.08 33.78
CA ALA A 2 -23.63 14.02 35.23
C ALA A 2 -22.19 13.67 35.61
N GLU A 3 -21.69 12.54 35.13
CA GLU A 3 -20.36 12.08 35.50
C GLU A 3 -19.35 12.27 34.36
N GLN A 4 -19.83 12.49 33.14
CA GLN A 4 -18.94 12.98 32.09
C GLN A 4 -18.44 14.39 32.39
N VAL A 5 -19.06 15.11 33.34
CA VAL A 5 -18.43 16.31 33.89
C VAL A 5 -17.47 15.95 35.02
N GLU A 6 -17.81 14.97 35.85
CA GLU A 6 -16.86 14.58 36.89
C GLU A 6 -15.66 13.85 36.30
N LYS A 7 -15.82 13.18 35.14
CA LYS A 7 -14.63 12.70 34.45
C LYS A 7 -13.77 13.86 33.99
N LEU A 8 -14.33 15.05 33.81
CA LEU A 8 -13.54 16.18 33.34
C LEU A 8 -12.95 16.97 34.50
N ARG A 9 -13.67 17.09 35.63
CA ARG A 9 -13.02 17.57 36.84
C ARG A 9 -11.76 16.77 37.08
N ASN A 10 -11.86 15.47 36.82
CA ASN A 10 -10.76 14.56 37.09
C ASN A 10 -9.59 14.85 36.17
N LYS A 11 -9.86 15.05 34.87
CA LYS A 11 -8.76 15.37 33.95
C LYS A 11 -8.15 16.73 34.27
N ILE A 12 -8.97 17.66 34.77
CA ILE A 12 -8.48 18.98 35.16
C ILE A 12 -7.57 18.88 36.36
N ASN A 13 -7.90 18.02 37.33
CA ASN A 13 -7.13 17.97 38.58
C ASN A 13 -5.79 17.30 38.40
N ASN A 14 -5.67 16.35 37.47
CA ASN A 14 -4.41 15.66 37.30
C ASN A 14 -3.62 16.15 36.10
N ALA A 15 -4.05 17.26 35.49
CA ALA A 15 -3.27 17.99 34.50
C ALA A 15 -2.26 18.89 35.19
N ALA A 16 -1.47 19.59 34.38
CA ALA A 16 -0.50 20.57 34.87
C ALA A 16 -1.11 21.96 34.68
N VAL A 17 -0.45 22.91 34.02
CA VAL A 17 -1.14 24.16 33.66
C VAL A 17 -1.97 23.87 32.40
N LEU A 18 -3.27 24.17 32.48
CA LEU A 18 -4.22 23.75 31.45
C LEU A 18 -5.09 24.95 31.09
N VAL A 19 -5.30 25.18 29.80
CA VAL A 19 -6.02 26.36 29.30
C VAL A 19 -7.08 25.91 28.31
N PHE A 20 -8.35 26.13 28.64
CA PHE A 20 -9.43 25.85 27.71
C PHE A 20 -9.66 27.09 26.86
N ALA A 21 -9.55 26.93 25.54
CA ALA A 21 -9.41 28.05 24.64
C ALA A 21 -10.31 27.85 23.44
N LYS A 22 -10.31 28.85 22.56
CA LYS A 22 -10.95 28.76 21.26
C LYS A 22 -10.00 29.43 20.26
N SER A 23 -10.16 29.07 18.98
CA SER A 23 -9.17 29.47 17.99
C SER A 23 -9.28 30.94 17.58
N PHE A 24 -10.50 31.48 17.50
CA PHE A 24 -10.70 32.85 17.03
C PHE A 24 -10.79 33.87 18.15
N CYS A 25 -10.71 33.43 19.41
CA CYS A 25 -10.87 34.31 20.58
C CYS A 25 -9.62 35.15 20.80
N PRO A 26 -9.71 36.48 20.74
CA PRO A 26 -8.52 37.31 21.01
C PRO A 26 -7.95 37.15 22.42
N TYR A 27 -8.83 37.07 23.42
CA TYR A 27 -8.42 36.98 24.81
C TYR A 27 -7.43 35.84 25.06
N CYS A 28 -7.61 34.72 24.38
CA CYS A 28 -6.82 33.53 24.68
C CYS A 28 -5.36 33.73 24.29
N LYS A 29 -5.12 34.37 23.13
CA LYS A 29 -3.75 34.63 22.70
C LYS A 29 -2.97 35.41 23.75
N LYS A 30 -3.61 36.34 24.46
CA LYS A 30 -2.88 37.23 25.36
C LYS A 30 -2.35 36.48 26.59
N VAL A 31 -3.18 35.60 27.15
CA VAL A 31 -2.72 34.77 28.27
C VAL A 31 -1.73 33.72 27.78
N MET A 32 -1.97 33.14 26.61
CA MET A 32 -1.01 32.14 26.15
C MET A 32 0.30 32.79 25.72
N GLU A 33 0.21 33.92 24.99
CA GLU A 33 1.40 34.69 24.63
C GLU A 33 2.21 35.02 25.86
N ARG A 34 1.53 35.27 26.96
CA ARG A 34 2.23 35.65 28.17
C ARG A 34 2.87 34.44 28.85
N PHE A 35 2.17 33.31 28.93
CA PHE A 35 2.81 32.10 29.47
C PHE A 35 4.08 31.75 28.71
N ASN A 36 4.07 31.88 27.38
CA ASN A 36 5.28 31.60 26.61
C ASN A 36 6.39 32.59 26.95
N ASN A 37 6.03 33.85 27.23
CA ASN A 37 7.07 34.85 27.51
C ASN A 37 7.71 34.63 28.87
N LEU A 38 6.99 34.06 29.82
CA LEU A 38 7.55 33.77 31.13
C LEU A 38 8.06 32.33 31.25
N LYS A 39 8.20 31.61 30.12
CA LYS A 39 8.67 30.21 30.11
C LYS A 39 7.81 29.33 31.03
N ILE A 40 6.49 29.48 30.95
CA ILE A 40 5.57 28.66 31.73
C ILE A 40 5.07 27.54 30.83
N PRO A 41 5.46 26.29 31.10
CA PRO A 41 4.84 25.13 30.42
C PRO A 41 3.32 25.13 30.57
N PHE A 42 2.60 24.98 29.44
CA PHE A 42 1.17 24.71 29.55
C PHE A 42 0.65 23.81 28.44
N GLY A 43 -0.56 23.30 28.67
CA GLY A 43 -1.30 22.54 27.67
C GLY A 43 -2.66 23.17 27.45
N TYR A 44 -3.07 23.25 26.20
CA TYR A 44 -4.31 23.92 25.88
C TYR A 44 -5.20 22.97 25.10
N LEU A 45 -6.49 23.25 25.11
CA LEU A 45 -7.40 22.52 24.29
C LEU A 45 -8.37 23.49 23.64
N ASP A 46 -8.57 23.33 22.34
CA ASP A 46 -9.27 24.30 21.51
C ASP A 46 -10.59 23.69 21.07
N LEU A 47 -11.70 24.31 21.46
CA LEU A 47 -12.98 23.62 21.36
C LEU A 47 -13.71 23.89 20.05
N ASP A 48 -13.28 24.90 19.29
CA ASP A 48 -13.81 25.06 17.94
C ASP A 48 -13.42 23.89 17.07
N LEU A 49 -12.35 23.17 17.44
CA LEU A 49 -11.88 21.99 16.74
C LEU A 49 -12.43 20.69 17.34
N LYS A 50 -13.51 20.75 18.11
CA LYS A 50 -14.19 19.57 18.60
C LYS A 50 -15.64 19.53 18.18
N LYS A 51 -16.07 18.39 17.65
CA LYS A 51 -17.49 18.22 17.37
C LYS A 51 -18.33 18.43 18.64
N ASN A 52 -17.83 17.97 19.79
CA ASN A 52 -18.50 18.14 21.08
C ASN A 52 -17.93 19.29 21.90
N GLY A 53 -17.17 20.21 21.28
CA GLY A 53 -16.62 21.34 22.00
C GLY A 53 -17.72 22.13 22.70
N SER A 54 -18.94 21.98 22.19
CA SER A 54 -20.10 22.59 22.82
C SER A 54 -20.35 22.05 24.23
N ASP A 55 -20.25 20.72 24.41
CA ASP A 55 -20.55 20.14 25.72
C ASP A 55 -19.44 20.45 26.73
N TYR A 56 -18.24 20.75 26.26
CA TYR A 56 -17.17 21.16 27.16
C TYR A 56 -17.47 22.49 27.82
N GLN A 57 -18.05 23.44 27.08
CA GLN A 57 -18.32 24.74 27.67
C GLN A 57 -19.43 24.59 28.73
N LYS A 58 -20.43 23.73 28.46
CA LYS A 58 -21.46 23.43 29.48
C LYS A 58 -20.83 22.95 30.75
N MET A 59 -19.98 21.92 30.63
CA MET A 59 -19.38 21.27 31.78
C MET A 59 -18.48 22.22 32.54
N LEU A 60 -17.66 22.99 31.82
CA LEU A 60 -16.75 23.92 32.49
C LEU A 60 -17.49 24.97 33.30
N GLN A 61 -18.71 25.34 32.91
CA GLN A 61 -19.37 26.37 33.69
C GLN A 61 -19.97 25.84 34.99
N GLU A 62 -20.16 24.52 35.11
CA GLU A 62 -20.50 23.96 36.43
C GLU A 62 -19.29 23.88 37.32
N ILE A 63 -18.13 23.58 36.75
CA ILE A 63 -16.92 23.48 37.54
C ILE A 63 -16.52 24.87 38.05
N THR A 64 -16.53 25.87 37.16
CA THR A 64 -15.92 27.18 37.40
C THR A 64 -16.91 28.27 37.71
N GLY A 65 -18.13 28.21 37.18
CA GLY A 65 -19.04 29.33 37.23
C GLY A 65 -18.71 30.47 36.29
N ARG A 66 -17.96 30.21 35.21
CA ARG A 66 -17.58 31.20 34.21
C ARG A 66 -18.07 30.73 32.86
N THR A 67 -18.42 31.67 31.98
CA THR A 67 -19.26 31.33 30.84
C THR A 67 -18.50 31.24 29.54
N THR A 68 -17.45 32.03 29.44
CA THR A 68 -16.55 32.23 28.32
C THR A 68 -15.31 31.35 28.49
N VAL A 69 -14.56 31.17 27.40
CA VAL A 69 -13.17 30.73 27.50
C VAL A 69 -12.32 31.97 27.25
N PRO A 70 -11.08 32.03 27.78
CA PRO A 70 -10.22 31.07 28.50
C PRO A 70 -10.66 30.71 29.90
N GLN A 71 -10.34 29.48 30.32
CA GLN A 71 -10.41 29.11 31.72
C GLN A 71 -9.14 28.33 32.05
N VAL A 72 -8.48 28.70 33.14
CA VAL A 72 -7.09 28.36 33.38
C VAL A 72 -6.94 27.67 34.73
N PHE A 73 -6.28 26.51 34.74
CA PHE A 73 -6.09 25.78 35.97
C PHE A 73 -4.60 25.53 36.19
N PHE A 74 -4.14 25.69 37.44
CA PHE A 74 -2.78 25.32 37.85
C PHE A 74 -2.91 24.07 38.70
N ARG A 75 -2.74 22.90 38.08
CA ARG A 75 -2.79 21.62 38.80
C ARG A 75 -4.06 21.51 39.64
N GLY A 76 -5.20 21.88 39.04
CA GLY A 76 -6.49 21.74 39.69
C GLY A 76 -7.00 23.03 40.32
N GLU A 77 -6.09 23.92 40.71
CA GLU A 77 -6.49 25.22 41.25
C GLU A 77 -6.93 26.06 40.08
N PHE A 78 -8.15 26.56 40.13
CA PHE A 78 -8.70 27.35 39.04
C PHE A 78 -8.26 28.80 39.20
N ILE A 79 -7.50 29.31 38.23
CA ILE A 79 -7.00 30.66 38.39
C ILE A 79 -8.02 31.67 37.87
N GLY A 80 -8.74 31.30 36.82
CA GLY A 80 -9.81 32.13 36.34
C GLY A 80 -9.66 32.34 34.86
N GLY A 81 -10.32 33.36 34.37
CA GLY A 81 -10.27 33.74 32.96
C GLY A 81 -9.14 34.71 32.69
N CYS A 82 -9.38 35.60 31.71
CA CYS A 82 -8.31 36.42 31.15
C CYS A 82 -7.85 37.52 32.11
N ASP A 83 -8.78 38.20 32.77
CA ASP A 83 -8.40 39.28 33.66
C ASP A 83 -7.93 38.77 35.02
N ASP A 84 -8.34 37.55 35.41
CA ASP A 84 -7.84 36.96 36.65
C ASP A 84 -6.35 36.65 36.55
N VAL A 85 -5.84 36.46 35.34
CA VAL A 85 -4.45 36.15 35.12
C VAL A 85 -3.60 37.41 35.04
N MET A 86 -4.15 38.49 34.46
CA MET A 86 -3.49 39.78 34.35
C MET A 86 -3.54 40.60 35.64
N ALA A 87 -4.10 40.05 36.71
CA ALA A 87 -4.02 40.67 38.02
C ALA A 87 -3.02 39.97 38.92
N ILE A 88 -2.46 38.86 38.47
CA ILE A 88 -1.31 38.26 39.14
C ILE A 88 -0.08 38.77 38.42
N ASP A 89 0.80 39.43 39.17
CA ASP A 89 1.96 40.09 38.61
C ASP A 89 2.97 39.07 38.07
N ASP A 90 3.94 39.55 37.30
CA ASP A 90 4.74 38.65 36.48
C ASP A 90 5.48 37.59 37.26
N ASP A 91 5.51 37.64 38.58
CA ASP A 91 6.34 36.67 39.28
C ASP A 91 5.61 35.87 40.32
N THR A 92 4.52 36.40 40.88
CA THR A 92 3.70 35.53 41.69
C THR A 92 2.93 34.54 40.82
N ILE A 93 2.69 34.85 39.54
CA ILE A 93 2.09 33.86 38.65
C ILE A 93 3.08 32.75 38.34
N VAL A 94 4.32 33.11 37.98
CA VAL A 94 5.34 32.10 37.71
C VAL A 94 5.59 31.25 38.94
N LYS A 95 5.60 31.86 40.12
CA LYS A 95 5.77 31.07 41.34
C LYS A 95 4.57 30.15 41.57
N LYS A 96 3.36 30.65 41.34
CA LYS A 96 2.16 29.85 41.63
C LYS A 96 2.04 28.72 40.64
N ALA A 97 2.49 28.90 39.39
CA ALA A 97 2.34 27.83 38.42
C ALA A 97 3.31 26.68 38.61
N ASN A 98 4.30 26.79 39.51
CA ASN A 98 5.25 25.70 39.71
C ASN A 98 5.19 25.02 41.06
N GLU A 99 4.25 25.35 41.94
CA GLU A 99 4.09 24.54 43.15
C GLU A 99 3.33 23.27 42.78
N MET A 100 3.67 22.14 43.44
CA MET A 100 3.14 20.89 42.91
C MET A 100 2.69 19.84 43.92
N LYS A 101 3.36 19.75 45.08
CA LYS A 101 3.16 18.69 46.08
C LYS A 101 4.05 17.49 45.78
N TYR A 102 4.30 17.22 44.50
CA TYR A 102 5.11 16.08 44.11
C TYR A 102 6.30 16.57 43.26
N ASP A 103 7.37 15.77 43.21
CA ASP A 103 8.54 16.12 42.40
C ASP A 103 8.22 16.17 40.92
N TYR A 104 7.23 15.38 40.48
CA TYR A 104 6.94 15.19 39.07
C TYR A 104 5.43 15.09 38.88
N ASP A 105 4.96 15.61 37.74
CA ASP A 105 3.59 15.35 37.33
C ASP A 105 3.41 13.88 36.96
N MET A 106 4.43 13.30 36.32
CA MET A 106 4.36 11.96 35.78
C MET A 106 5.73 11.31 35.80
N VAL A 107 5.77 10.06 36.25
CA VAL A 107 6.96 9.22 36.10
C VAL A 107 6.56 8.05 35.20
N ILE A 108 7.39 7.77 34.21
CA ILE A 108 7.17 6.71 33.25
C ILE A 108 8.20 5.64 33.51
N ILE A 109 7.75 4.46 33.92
CA ILE A 109 8.65 3.33 34.11
C ILE A 109 8.83 2.66 32.75
N GLY A 110 9.96 2.92 32.09
CA GLY A 110 10.25 2.25 30.82
C GLY A 110 10.41 3.21 29.64
N GLY A 111 11.55 3.16 28.96
CA GLY A 111 11.82 4.10 27.90
C GLY A 111 11.74 3.49 26.52
N GLY A 112 10.66 2.72 26.27
CA GLY A 112 10.50 2.09 24.98
C GLY A 112 9.88 3.01 23.96
N SER A 113 9.38 2.41 22.88
CA SER A 113 8.64 3.16 21.87
C SER A 113 7.56 4.01 22.51
N GLY A 114 6.74 3.40 23.37
CA GLY A 114 5.58 4.05 23.94
C GLY A 114 5.89 5.04 25.06
N GLY A 115 6.80 4.66 25.97
CA GLY A 115 7.25 5.59 26.98
C GLY A 115 7.81 6.88 26.38
N LEU A 116 8.73 6.74 25.40
CA LEU A 116 9.35 7.90 24.77
C LEU A 116 8.32 8.80 24.13
N ALA A 117 7.36 8.22 23.42
CA ALA A 117 6.32 9.01 22.77
C ALA A 117 5.44 9.72 23.79
N LEU A 118 4.99 8.99 24.82
CA LEU A 118 4.15 9.59 25.85
C LEU A 118 4.90 10.71 26.55
N ALA A 119 6.20 10.52 26.77
CA ALA A 119 7.01 11.55 27.40
C ALA A 119 7.08 12.80 26.53
N LYS A 120 7.42 12.64 25.25
CA LYS A 120 7.59 13.82 24.39
C LYS A 120 6.28 14.61 24.31
N GLU A 121 5.15 13.92 24.13
CA GLU A 121 3.88 14.61 23.97
C GLU A 121 3.40 15.24 25.26
N SER A 122 3.66 14.60 26.40
CA SER A 122 3.27 15.16 27.69
C SER A 122 3.96 16.48 27.97
N ALA A 123 5.29 16.55 27.77
CA ALA A 123 6.02 17.78 28.02
C ALA A 123 5.53 18.93 27.14
N LYS A 124 5.16 18.64 25.88
CA LYS A 124 4.65 19.71 25.03
C LYS A 124 3.33 20.28 25.53
N SER A 125 2.70 19.63 26.51
CA SER A 125 1.48 20.13 27.11
C SER A 125 1.69 20.43 28.60
N GLY A 126 2.92 20.74 28.99
CA GLY A 126 3.17 21.43 30.23
C GLY A 126 3.67 20.58 31.37
N ALA A 127 3.79 19.28 31.18
CA ALA A 127 3.99 18.34 32.28
C ALA A 127 5.45 18.23 32.66
N LYS A 128 5.71 18.20 33.96
CA LYS A 128 7.04 17.87 34.48
C LYS A 128 7.17 16.36 34.49
N VAL A 129 7.99 15.83 33.60
CA VAL A 129 8.00 14.39 33.32
C VAL A 129 9.35 13.82 33.65
N ALA A 130 9.38 12.73 34.38
CA ALA A 130 10.57 11.91 34.57
C ALA A 130 10.37 10.61 33.80
N LEU A 131 11.35 10.25 32.99
CA LEU A 131 11.33 9.01 32.23
C LEU A 131 12.46 8.11 32.69
N LEU A 132 12.11 6.94 33.24
CA LEU A 132 13.09 5.95 33.67
C LEU A 132 13.30 4.91 32.58
N ASP A 133 14.56 4.62 32.26
CA ASP A 133 14.81 3.46 31.42
C ASP A 133 16.14 2.84 31.85
N PHE A 134 16.09 1.53 32.07
CA PHE A 134 17.28 0.77 32.42
C PHE A 134 17.16 -0.61 31.78
N VAL A 135 18.25 -1.06 31.19
CA VAL A 135 18.24 -2.28 30.40
C VAL A 135 19.00 -3.34 31.19
N VAL A 136 18.26 -4.21 31.88
CA VAL A 136 18.85 -5.32 32.61
C VAL A 136 19.48 -6.28 31.60
N PRO A 137 20.76 -6.60 31.72
CA PRO A 137 21.44 -7.27 30.60
C PRO A 137 20.99 -8.70 30.47
N THR A 138 21.06 -9.19 29.23
CA THR A 138 20.94 -10.61 28.87
C THR A 138 21.83 -11.48 29.75
N PRO A 139 21.49 -12.76 29.93
CA PRO A 139 22.45 -13.71 30.52
C PRO A 139 23.87 -13.61 29.96
N MET A 140 24.05 -13.60 28.63
CA MET A 140 25.39 -13.48 28.07
C MET A 140 25.95 -12.05 28.12
N GLY A 141 25.24 -11.11 28.73
CA GLY A 141 25.76 -9.78 28.99
C GLY A 141 25.37 -8.65 28.05
N THR A 142 24.43 -8.85 27.14
CA THR A 142 24.11 -7.83 26.14
C THR A 142 23.25 -6.72 26.75
N THR A 143 23.59 -5.45 26.44
CA THR A 143 22.75 -4.28 26.74
C THR A 143 22.76 -3.29 25.57
N TRP A 144 21.93 -2.27 25.68
CA TRP A 144 21.73 -1.30 24.61
C TRP A 144 21.23 0.00 25.23
N GLY A 145 21.12 1.02 24.39
CA GLY A 145 20.78 2.34 24.85
C GLY A 145 19.29 2.63 24.85
N LEU A 146 18.98 3.93 24.95
CA LEU A 146 17.61 4.39 25.00
C LEU A 146 16.86 4.04 23.72
N GLY A 147 15.59 3.70 23.85
CA GLY A 147 14.79 3.45 22.66
C GLY A 147 13.82 2.28 22.76
N GLY A 148 14.13 1.34 23.62
CA GLY A 148 13.29 0.18 23.79
C GLY A 148 13.60 -0.92 22.80
N THR A 149 12.75 -1.94 22.87
CA THR A 149 12.93 -3.16 22.10
C THR A 149 13.03 -2.88 20.62
N CYS A 150 12.02 -2.20 20.06
CA CYS A 150 11.99 -1.86 18.64
C CYS A 150 13.33 -1.35 18.16
N VAL A 151 13.82 -0.27 18.79
CA VAL A 151 15.00 0.41 18.30
C VAL A 151 16.23 -0.50 18.40
N ASN A 152 16.37 -1.24 19.50
CA ASN A 152 17.65 -1.86 19.80
C ASN A 152 17.72 -3.34 19.46
N VAL A 153 16.62 -4.08 19.64
CA VAL A 153 16.68 -5.53 19.58
C VAL A 153 15.38 -6.02 18.96
N GLY A 154 14.74 -5.16 18.17
CA GLY A 154 13.43 -5.42 17.58
C GLY A 154 13.24 -5.02 16.12
N CYS A 155 12.19 -4.22 15.86
CA CYS A 155 11.79 -3.90 14.48
C CYS A 155 12.95 -3.37 13.65
N ILE A 156 13.66 -2.35 14.15
CA ILE A 156 14.68 -1.68 13.35
C ILE A 156 15.79 -2.64 12.90
N PRO A 157 16.49 -3.38 13.76
CA PRO A 157 17.52 -4.29 13.22
C PRO A 157 16.95 -5.49 12.48
N LYS A 158 15.83 -6.02 12.95
CA LYS A 158 15.18 -7.13 12.25
C LYS A 158 14.94 -6.77 10.80
N LYS A 159 14.27 -5.63 10.57
CA LYS A 159 13.95 -5.27 9.19
C LYS A 159 15.21 -5.00 8.38
N LEU A 160 16.25 -4.42 9.01
CA LEU A 160 17.52 -4.17 8.34
C LEU A 160 18.23 -5.46 7.93
N MET A 161 18.22 -6.46 8.82
CA MET A 161 18.79 -7.74 8.42
C MET A 161 17.92 -8.41 7.38
N HIS A 162 16.60 -8.29 7.52
CA HIS A 162 15.67 -8.73 6.46
C HIS A 162 16.06 -8.13 5.11
N GLN A 163 16.47 -6.87 5.09
CA GLN A 163 16.77 -6.25 3.81
C GLN A 163 18.14 -6.68 3.28
N ALA A 164 19.07 -7.04 4.17
CA ALA A 164 20.29 -7.67 3.66
C ALA A 164 19.98 -9.06 3.09
N ALA A 165 18.98 -9.76 3.61
CA ALA A 165 18.57 -11.03 3.01
C ALA A 165 17.89 -10.81 1.67
N LEU A 166 16.98 -9.83 1.56
CA LEU A 166 16.31 -9.59 0.28
C LEU A 166 17.32 -9.27 -0.82
N LEU A 167 18.33 -8.44 -0.54
CA LEU A 167 19.25 -8.03 -1.60
C LEU A 167 20.01 -9.21 -2.19
N ASN A 168 20.19 -10.31 -1.45
CA ASN A 168 20.79 -11.50 -2.04
C ASN A 168 19.90 -12.06 -3.15
N HIS A 169 18.59 -12.13 -2.91
CA HIS A 169 17.73 -12.63 -3.99
C HIS A 169 17.57 -11.56 -5.07
N TYR A 170 17.49 -10.29 -4.67
CA TYR A 170 17.45 -9.24 -5.66
C TYR A 170 18.65 -9.33 -6.59
N MET A 171 19.80 -9.74 -6.08
CA MET A 171 20.98 -9.75 -6.91
C MET A 171 21.04 -10.95 -7.81
N GLU A 172 20.38 -12.05 -7.45
CA GLU A 172 20.32 -13.11 -8.44
C GLU A 172 19.25 -12.80 -9.49
N ASP A 173 18.14 -12.15 -9.10
CA ASP A 173 17.23 -11.58 -10.10
C ASP A 173 17.97 -10.74 -11.13
N ALA A 174 18.94 -9.96 -10.70
CA ALA A 174 19.55 -8.96 -11.56
C ALA A 174 20.25 -9.57 -12.76
N LYS A 175 20.65 -10.84 -12.71
CA LYS A 175 21.27 -11.43 -13.88
C LYS A 175 20.24 -11.71 -14.96
N SER A 176 19.05 -12.13 -14.56
CA SER A 176 18.00 -12.31 -15.56
C SER A 176 17.71 -11.01 -16.26
N PHE A 177 17.96 -9.89 -15.59
CA PHE A 177 17.69 -8.57 -16.12
C PHE A 177 18.86 -7.99 -16.88
N GLY A 178 19.93 -8.76 -17.09
CA GLY A 178 21.04 -8.36 -17.93
C GLY A 178 22.32 -8.01 -17.21
N TRP A 179 22.32 -7.91 -15.88
CA TRP A 179 23.53 -7.56 -15.15
C TRP A 179 24.40 -8.79 -14.96
N ASP A 180 25.68 -8.65 -15.28
CA ASP A 180 26.71 -9.59 -14.84
C ASP A 180 27.08 -9.29 -13.39
N VAL A 181 26.64 -10.12 -12.45
CA VAL A 181 26.93 -9.88 -11.04
C VAL A 181 27.86 -10.97 -10.53
N ASP A 182 28.99 -10.54 -9.96
CA ASP A 182 29.80 -11.44 -9.15
C ASP A 182 28.96 -12.00 -7.98
N LYS A 183 28.49 -11.10 -7.11
CA LYS A 183 27.99 -11.42 -5.78
C LYS A 183 28.91 -12.42 -5.08
N GLY A 184 29.65 -11.92 -4.09
CA GLY A 184 30.57 -12.72 -3.33
C GLY A 184 30.04 -13.07 -1.95
N PRO A 185 30.96 -13.25 -1.01
CA PRO A 185 30.57 -13.68 0.33
C PRO A 185 29.98 -12.55 1.16
N HIS A 186 29.28 -12.93 2.22
CA HIS A 186 28.65 -11.95 3.09
C HIS A 186 29.52 -11.73 4.32
N ASP A 187 29.85 -10.47 4.58
CA ASP A 187 30.67 -10.10 5.73
C ASP A 187 29.72 -9.74 6.87
N TRP A 188 29.55 -10.68 7.81
CA TRP A 188 28.60 -10.51 8.91
C TRP A 188 28.95 -9.32 9.78
N VAL A 189 30.25 -9.10 10.02
CA VAL A 189 30.66 -8.04 10.93
C VAL A 189 30.38 -6.67 10.32
N LYS A 190 30.60 -6.51 9.00
CA LYS A 190 30.36 -5.18 8.43
C LYS A 190 28.88 -4.83 8.50
N MET A 191 27.99 -5.82 8.37
CA MET A 191 26.55 -5.55 8.47
C MET A 191 26.15 -5.22 9.89
N VAL A 192 26.70 -5.93 10.89
CA VAL A 192 26.25 -5.64 12.24
C VAL A 192 26.77 -4.29 12.69
N GLU A 193 27.86 -3.80 12.09
CA GLU A 193 28.33 -2.44 12.42
C GLU A 193 27.47 -1.37 11.76
N GLY A 194 27.08 -1.57 10.49
CA GLY A 194 26.13 -0.64 9.89
C GLY A 194 24.82 -0.55 10.65
N ILE A 195 24.32 -1.70 11.10
CA ILE A 195 23.08 -1.74 11.86
C ILE A 195 23.25 -1.09 13.23
N GLN A 196 24.27 -1.50 13.97
CA GLN A 196 24.49 -0.87 15.27
C GLN A 196 24.85 0.61 15.12
N ASP A 197 25.33 1.05 13.96
CA ASP A 197 25.56 2.48 13.76
C ASP A 197 24.26 3.25 13.65
N HIS A 198 23.24 2.70 12.97
CA HIS A 198 21.93 3.35 12.97
C HIS A 198 21.30 3.36 14.35
N ILE A 199 21.33 2.21 15.04
CA ILE A 199 20.78 2.13 16.40
C ILE A 199 21.34 3.25 17.29
N HIS A 200 22.67 3.35 17.35
CA HIS A 200 23.30 4.38 18.18
C HIS A 200 22.85 5.77 17.76
N ALA A 201 22.67 6.01 16.46
CA ALA A 201 22.12 7.29 16.02
C ALA A 201 20.69 7.48 16.52
N LEU A 202 19.94 6.38 16.71
CA LEU A 202 18.62 6.52 17.31
C LEU A 202 18.71 6.56 18.83
N ASN A 203 19.65 5.81 19.44
CA ASN A 203 19.91 6.06 20.86
C ASN A 203 20.17 7.53 21.08
N PHE A 204 21.14 8.08 20.35
CA PHE A 204 21.41 9.50 20.51
C PHE A 204 20.16 10.33 20.25
N GLY A 205 19.44 10.01 19.19
CA GLY A 205 18.26 10.80 18.82
C GLY A 205 17.18 10.82 19.88
N TYR A 206 16.82 9.66 20.45
CA TYR A 206 15.79 9.69 21.48
C TYR A 206 16.30 10.37 22.72
N ARG A 207 17.58 10.22 22.99
CA ARG A 207 18.12 10.86 24.18
C ARG A 207 18.16 12.37 24.03
N SER A 208 18.54 12.88 22.84
CA SER A 208 18.48 14.31 22.57
C SER A 208 17.04 14.78 22.69
N SER A 209 16.12 14.01 22.12
CA SER A 209 14.73 14.44 22.05
C SER A 209 14.15 14.64 23.43
N MET A 210 14.50 13.75 24.38
CA MET A 210 14.02 13.89 25.75
C MET A 210 14.59 15.13 26.44
N MET A 211 15.81 15.53 26.11
CA MET A 211 16.36 16.70 26.77
C MET A 211 15.77 17.98 26.22
N ASN A 212 15.60 18.05 24.90
CA ASN A 212 15.01 19.23 24.29
C ASN A 212 13.55 19.43 24.67
N ALA A 213 12.90 18.40 25.20
CA ALA A 213 11.54 18.51 25.69
C ALA A 213 11.46 18.75 27.19
N ASN A 214 12.61 18.78 27.87
CA ASN A 214 12.69 18.91 29.31
C ASN A 214 12.03 17.73 30.00
N VAL A 215 12.29 16.56 29.48
CA VAL A 215 12.04 15.32 30.21
C VAL A 215 13.31 14.93 30.93
N LYS A 216 13.19 14.56 32.19
CA LYS A 216 14.35 14.06 32.93
C LYS A 216 14.50 12.58 32.62
N TYR A 217 15.43 12.24 31.73
CA TYR A 217 15.75 10.84 31.51
C TYR A 217 16.71 10.37 32.60
N LEU A 218 16.31 9.34 33.33
CA LEU A 218 17.10 8.78 34.42
C LEU A 218 17.38 7.32 34.11
N ASN A 219 18.66 6.97 33.94
CA ASN A 219 19.03 5.63 33.54
C ASN A 219 19.04 4.75 34.80
N ALA A 220 17.85 4.34 35.22
CA ALA A 220 17.66 3.67 36.50
C ALA A 220 16.38 2.82 36.47
N LEU A 221 16.32 1.78 37.31
CA LEU A 221 15.15 0.92 37.33
C LEU A 221 14.09 1.43 38.29
N GLY A 222 12.84 1.24 37.90
CA GLY A 222 11.71 1.75 38.64
C GLY A 222 10.98 0.63 39.35
N GLU A 223 10.49 0.94 40.53
CA GLU A 223 9.69 0.05 41.37
C GLU A 223 8.67 0.94 42.05
N ILE A 224 7.45 0.47 42.15
CA ILE A 224 6.43 1.26 42.83
C ILE A 224 6.42 0.90 44.30
N VAL A 225 6.20 1.91 45.17
CA VAL A 225 6.11 1.71 46.61
C VAL A 225 4.71 2.06 47.11
N ASP A 226 4.17 3.17 46.63
CA ASP A 226 2.79 3.58 46.90
C ASP A 226 2.30 4.30 45.65
N PRO A 227 0.98 4.59 45.56
CA PRO A 227 0.49 5.26 44.35
C PRO A 227 1.23 6.52 43.95
N HIS A 228 1.94 7.22 44.85
CA HIS A 228 2.47 8.51 44.46
C HIS A 228 3.98 8.61 44.53
N THR A 229 4.70 7.51 44.79
CA THR A 229 6.17 7.61 44.80
C THR A 229 6.79 6.33 44.22
N ILE A 230 7.95 6.49 43.59
CA ILE A 230 8.66 5.46 42.81
C ILE A 230 10.10 5.34 43.32
N LYS A 231 10.56 4.11 43.55
CA LYS A 231 11.95 3.82 43.94
C LYS A 231 12.82 3.62 42.69
N THR A 232 13.97 4.28 42.65
CA THR A 232 14.85 4.22 41.48
C THR A 232 16.25 3.82 41.90
N THR A 233 16.78 2.73 41.34
CA THR A 233 18.16 2.31 41.54
C THR A 233 18.89 2.46 40.22
N ASN A 234 20.04 3.14 40.22
CA ASN A 234 20.77 3.43 38.99
C ASN A 234 21.98 2.52 38.80
N LYS A 235 22.73 2.81 37.73
CA LYS A 235 23.92 2.04 37.35
C LYS A 235 24.82 1.77 38.54
N GLN A 236 25.35 2.88 39.09
CA GLN A 236 26.24 2.93 40.23
C GLN A 236 25.69 2.15 41.45
N GLY A 237 24.37 2.01 41.56
CA GLY A 237 23.77 1.07 42.50
C GLY A 237 22.94 1.70 43.61
N ILE A 238 22.91 3.03 43.71
CA ILE A 238 22.24 3.76 44.79
C ILE A 238 20.73 3.91 44.56
N VAL A 239 19.97 3.78 45.62
CA VAL A 239 18.52 3.97 45.60
C VAL A 239 18.20 5.44 45.88
N LYS A 240 17.14 5.93 45.24
CA LYS A 240 16.54 7.23 45.51
C LYS A 240 15.06 7.16 45.19
N ASN A 241 14.23 7.78 46.03
CA ASN A 241 12.80 7.84 45.77
C ASN A 241 12.44 9.15 45.12
N ILE A 242 11.40 9.14 44.28
CA ILE A 242 10.84 10.37 43.75
C ILE A 242 9.32 10.29 43.78
N THR A 243 8.71 11.45 43.89
CA THR A 243 7.28 11.55 44.06
C THR A 243 6.65 12.03 42.76
N THR A 244 5.41 11.60 42.54
CA THR A 244 4.72 11.86 41.29
C THR A 244 3.22 11.86 41.53
N ASN A 245 2.51 12.64 40.71
CA ASN A 245 1.06 12.57 40.72
C ASN A 245 0.58 11.35 39.93
N THR A 246 1.29 10.98 38.88
CA THR A 246 0.87 9.99 37.91
C THR A 246 2.00 9.00 37.68
N ILE A 247 1.66 7.70 37.63
CA ILE A 247 2.59 6.65 37.27
C ILE A 247 2.13 5.97 36.00
N ILE A 248 3.05 5.81 35.04
CA ILE A 248 2.78 5.07 33.80
C ILE A 248 3.75 3.90 33.75
N VAL A 249 3.20 2.69 33.64
CA VAL A 249 4.00 1.49 33.47
C VAL A 249 4.13 1.24 31.96
N ALA A 250 5.36 1.20 31.46
CA ALA A 250 5.60 1.04 30.04
C ALA A 250 6.84 0.19 29.79
N THR A 251 6.92 -0.94 30.49
CA THR A 251 8.13 -1.73 30.61
C THR A 251 8.28 -2.82 29.55
N GLY A 252 7.29 -2.97 28.65
CA GLY A 252 7.45 -3.94 27.61
C GLY A 252 7.60 -5.39 28.10
N GLU A 253 8.22 -6.19 27.26
CA GLU A 253 8.50 -7.58 27.55
C GLU A 253 9.98 -7.86 27.30
N ARG A 254 10.39 -9.09 27.61
CA ARG A 254 11.70 -9.65 27.35
C ARG A 254 11.50 -11.10 26.95
N PRO A 255 12.46 -11.69 26.21
CA PRO A 255 12.26 -13.04 25.68
C PRO A 255 12.24 -14.14 26.72
N ARG A 256 11.49 -15.18 26.43
CA ARG A 256 11.35 -16.32 27.32
C ARG A 256 12.32 -17.42 26.92
N TYR A 257 12.95 -18.00 27.89
CA TYR A 257 13.78 -19.19 27.79
C TYR A 257 12.98 -20.41 28.25
N PRO A 258 13.06 -21.56 27.56
CA PRO A 258 12.42 -22.76 28.09
C PRO A 258 13.12 -23.22 29.35
N PRO A 259 12.42 -23.80 30.27
CA PRO A 259 13.06 -24.30 31.51
C PRO A 259 13.83 -25.59 31.28
N ILE A 260 14.98 -25.49 30.64
CA ILE A 260 15.71 -26.72 30.30
C ILE A 260 17.19 -26.50 30.56
N PRO A 261 17.90 -27.54 31.02
CA PRO A 261 19.36 -27.45 31.22
C PRO A 261 20.11 -26.79 30.08
N GLY A 262 20.77 -25.68 30.36
CA GLY A 262 21.63 -25.02 29.40
C GLY A 262 21.00 -23.93 28.57
N ALA A 263 19.70 -23.63 28.77
CA ALA A 263 19.03 -22.63 27.95
C ALA A 263 19.67 -21.26 28.12
N LYS A 264 19.73 -20.75 29.36
CA LYS A 264 20.31 -19.42 29.58
C LYS A 264 21.81 -19.42 29.38
N GLU A 265 22.48 -20.52 29.74
CA GLU A 265 23.94 -20.57 29.73
C GLU A 265 24.46 -20.50 28.30
N TYR A 266 23.79 -21.20 27.38
CA TYR A 266 24.33 -21.48 26.07
C TYR A 266 23.51 -20.96 24.89
N GLY A 267 22.23 -20.62 25.09
CA GLY A 267 21.44 -20.04 24.01
C GLY A 267 21.47 -18.52 23.98
N ILE A 268 20.88 -17.98 22.91
CA ILE A 268 20.71 -16.55 22.71
C ILE A 268 19.24 -16.27 22.37
N THR A 269 18.87 -14.99 22.37
CA THR A 269 17.56 -14.56 21.94
C THR A 269 17.71 -13.42 20.94
N SER A 270 16.59 -12.87 20.48
CA SER A 270 16.65 -11.67 19.65
C SER A 270 17.48 -10.56 20.31
N ASP A 271 17.51 -10.50 21.66
CA ASP A 271 18.27 -9.45 22.34
C ASP A 271 19.76 -9.55 22.04
N ASP A 272 20.26 -10.76 21.89
CA ASP A 272 21.68 -10.99 21.63
C ASP A 272 21.99 -10.99 20.15
N LEU A 273 21.02 -11.38 19.32
CA LEU A 273 21.30 -11.73 17.93
C LEU A 273 21.68 -10.51 17.09
N PHE A 274 21.14 -9.35 17.40
CA PHE A 274 21.46 -8.23 16.54
C PHE A 274 22.80 -7.60 16.88
N THR A 275 23.58 -8.21 17.79
CA THR A 275 24.87 -7.68 18.16
C THR A 275 25.96 -8.75 18.16
N LEU A 276 25.75 -9.89 17.50
CA LEU A 276 26.73 -10.98 17.53
C LEU A 276 28.03 -10.58 16.87
N ASP A 277 29.15 -10.96 17.52
CA ASP A 277 30.48 -10.71 16.98
C ASP A 277 30.68 -11.39 15.65
N HIS A 278 30.01 -12.51 15.45
CA HIS A 278 30.37 -13.50 14.46
C HIS A 278 29.13 -13.95 13.69
N ASN A 279 29.33 -14.41 12.45
CA ASN A 279 28.27 -15.09 11.75
C ASN A 279 27.82 -16.28 12.61
N PRO A 280 26.52 -16.44 12.86
CA PRO A 280 26.05 -17.48 13.83
C PRO A 280 26.37 -18.91 13.46
N GLY A 281 26.76 -19.22 12.23
CA GLY A 281 27.06 -20.59 11.87
C GLY A 281 25.86 -21.47 11.65
N LYS A 282 25.93 -22.76 12.04
CA LYS A 282 24.81 -23.67 11.87
C LYS A 282 23.85 -23.49 13.03
N THR A 283 22.64 -23.02 12.71
CA THR A 283 21.78 -22.40 13.70
C THR A 283 20.52 -23.22 13.87
N LEU A 284 20.06 -23.27 15.11
CA LEU A 284 18.75 -23.81 15.46
C LEU A 284 17.94 -22.68 16.05
N CYS A 285 16.79 -22.38 15.44
CA CYS A 285 15.80 -21.52 16.07
C CYS A 285 14.76 -22.42 16.72
N VAL A 286 14.36 -22.07 17.93
CA VAL A 286 13.33 -22.81 18.64
C VAL A 286 12.08 -21.93 18.72
N GLY A 287 10.96 -22.48 18.29
CA GLY A 287 9.68 -21.81 18.26
C GLY A 287 9.23 -21.51 16.85
N ALA A 288 7.94 -21.21 16.72
CA ALA A 288 7.40 -20.83 15.41
C ALA A 288 6.57 -19.58 15.52
N SER A 289 7.07 -18.59 16.26
CA SER A 289 6.49 -17.25 16.32
C SER A 289 6.99 -16.40 15.14
N TYR A 290 6.44 -15.18 15.00
CA TYR A 290 6.95 -14.35 13.92
C TYR A 290 8.44 -14.09 14.11
N VAL A 291 8.88 -13.94 15.35
CA VAL A 291 10.28 -13.64 15.59
C VAL A 291 11.16 -14.81 15.19
N SER A 292 10.72 -16.02 15.50
CA SER A 292 11.51 -17.19 15.11
C SER A 292 11.59 -17.31 13.59
N LEU A 293 10.46 -17.11 12.89
CA LEU A 293 10.40 -17.37 11.47
C LEU A 293 11.12 -16.28 10.68
N GLU A 294 10.96 -15.02 11.10
CA GLU A 294 11.68 -13.95 10.42
C GLU A 294 13.18 -14.12 10.58
N CYS A 295 13.62 -14.48 11.80
CA CYS A 295 15.06 -14.65 12.02
C CYS A 295 15.61 -15.83 11.21
N ALA A 296 14.95 -16.98 11.26
CA ALA A 296 15.37 -18.07 10.38
C ALA A 296 15.43 -17.62 8.93
N GLY A 297 14.50 -16.77 8.52
CA GLY A 297 14.40 -16.39 7.13
C GLY A 297 15.61 -15.62 6.68
N PHE A 298 15.95 -14.53 7.36
CA PHE A 298 17.07 -13.75 6.88
C PHE A 298 18.40 -14.44 7.19
N LEU A 299 18.47 -15.19 8.27
CA LEU A 299 19.67 -15.97 8.53
C LEU A 299 19.92 -16.99 7.43
N SER A 300 18.87 -17.64 6.95
CA SER A 300 19.08 -18.60 5.88
C SER A 300 19.60 -17.92 4.62
N SER A 301 18.98 -16.79 4.23
CA SER A 301 19.34 -16.11 2.99
C SER A 301 20.71 -15.46 3.07
N ILE A 302 21.14 -15.05 4.26
CA ILE A 302 22.49 -14.53 4.44
C ILE A 302 23.52 -15.63 4.19
N GLY A 303 23.18 -16.88 4.50
CA GLY A 303 24.07 -17.96 4.17
C GLY A 303 24.18 -19.09 5.19
N CYS A 304 23.40 -19.05 6.27
CA CYS A 304 23.51 -20.03 7.34
C CYS A 304 22.68 -21.29 7.08
N ASP A 305 23.15 -22.41 7.60
CA ASP A 305 22.37 -23.65 7.68
C ASP A 305 21.42 -23.48 8.85
N VAL A 306 20.14 -23.25 8.57
CA VAL A 306 19.17 -22.95 9.60
C VAL A 306 18.18 -24.09 9.72
N THR A 307 17.80 -24.35 10.95
CA THR A 307 16.86 -25.41 11.29
C THR A 307 15.91 -24.78 12.30
N VAL A 308 14.61 -24.96 12.10
CA VAL A 308 13.63 -24.45 13.04
C VAL A 308 12.93 -25.64 13.68
N MET A 309 12.73 -25.57 14.99
CA MET A 309 12.19 -26.68 15.75
C MET A 309 10.88 -26.21 16.37
N VAL A 310 9.78 -26.78 15.89
CA VAL A 310 8.44 -26.28 16.12
C VAL A 310 7.70 -27.26 17.00
N ARG A 311 7.18 -26.78 18.12
CA ARG A 311 6.44 -27.70 18.98
C ARG A 311 5.21 -28.27 18.27
N SER A 312 4.47 -27.42 17.53
CA SER A 312 3.24 -27.87 16.89
C SER A 312 2.99 -27.15 15.57
N ILE A 313 2.46 -25.93 15.62
CA ILE A 313 2.07 -25.22 14.40
C ILE A 313 2.86 -23.92 14.30
N PHE A 314 2.88 -23.38 13.07
CA PHE A 314 3.53 -22.10 12.76
C PHE A 314 2.59 -20.93 13.07
N LEU A 315 3.14 -19.90 13.70
CA LEU A 315 2.43 -18.63 13.88
C LEU A 315 1.05 -18.79 14.52
N ARG A 316 0.99 -19.47 15.65
CA ARG A 316 -0.27 -19.60 16.38
C ARG A 316 -0.88 -18.22 16.58
N GLY A 317 -2.16 -18.09 16.26
CA GLY A 317 -2.87 -16.82 16.30
C GLY A 317 -2.99 -16.09 14.97
N PHE A 318 -2.17 -16.43 13.97
CA PHE A 318 -2.35 -15.92 12.62
C PHE A 318 -3.19 -16.92 11.80
N ASP A 319 -3.74 -16.43 10.69
CA ASP A 319 -4.44 -17.31 9.77
C ASP A 319 -3.56 -18.49 9.39
N GLN A 320 -4.12 -19.69 9.43
CA GLN A 320 -3.22 -20.83 9.30
C GLN A 320 -3.11 -21.38 7.90
N GLN A 321 -3.99 -20.99 6.96
CA GLN A 321 -3.61 -21.14 5.57
C GLN A 321 -2.37 -20.32 5.27
N MET A 322 -2.39 -19.03 5.64
CA MET A 322 -1.26 -18.16 5.39
C MET A 322 -0.01 -18.67 6.11
N ALA A 323 -0.13 -19.04 7.38
CA ALA A 323 1.02 -19.60 8.08
C ALA A 323 1.58 -20.81 7.33
N GLY A 324 0.71 -21.58 6.67
CA GLY A 324 1.23 -22.66 5.83
C GLY A 324 2.05 -22.16 4.67
N LEU A 325 1.56 -21.13 3.96
CA LEU A 325 2.30 -20.67 2.80
C LEU A 325 3.62 -19.99 3.18
N ILE A 326 3.70 -19.32 4.33
CA ILE A 326 4.99 -18.82 4.79
C ILE A 326 5.96 -19.97 5.00
N SER A 327 5.55 -20.98 5.77
CA SER A 327 6.48 -22.04 6.10
C SER A 327 6.82 -22.89 4.88
N ASP A 328 5.81 -23.29 4.08
CA ASP A 328 6.11 -23.93 2.80
C ASP A 328 7.15 -23.17 1.95
N TYR A 329 7.15 -21.83 2.01
CA TYR A 329 8.10 -21.07 1.20
C TYR A 329 9.45 -21.03 1.88
N ILE A 330 9.46 -20.74 3.18
CA ILE A 330 10.68 -20.89 3.96
C ILE A 330 11.26 -22.29 3.68
N ALA A 331 10.43 -23.32 3.79
CA ALA A 331 10.89 -24.69 3.57
C ALA A 331 11.45 -24.92 2.17
N LYS A 332 10.87 -24.27 1.15
CA LYS A 332 11.31 -24.61 -0.20
C LYS A 332 12.62 -23.92 -0.57
N TYR A 333 13.15 -23.05 0.30
CA TYR A 333 14.38 -22.33 0.02
C TYR A 333 15.36 -22.47 1.16
N GLY A 334 15.45 -23.66 1.75
CA GLY A 334 16.59 -24.04 2.55
C GLY A 334 16.36 -24.13 4.05
N VAL A 335 15.33 -23.48 4.58
CA VAL A 335 15.14 -23.58 6.01
C VAL A 335 14.51 -24.92 6.28
N LYS A 336 15.14 -25.71 7.12
CA LYS A 336 14.68 -27.04 7.49
C LYS A 336 13.83 -26.92 8.74
N PHE A 337 12.74 -27.69 8.79
CA PHE A 337 11.86 -27.70 9.95
C PHE A 337 11.85 -29.08 10.58
N VAL A 338 12.08 -29.15 11.89
CA VAL A 338 11.79 -30.35 12.67
C VAL A 338 10.55 -30.04 13.50
N ARG A 339 9.51 -30.87 13.36
CA ARG A 339 8.20 -30.54 13.88
C ARG A 339 7.29 -31.73 13.70
N PRO A 340 6.49 -32.08 14.73
CA PRO A 340 6.42 -31.44 16.06
C PRO A 340 7.56 -31.90 16.96
N CYS A 341 8.14 -31.00 17.74
CA CYS A 341 9.32 -31.36 18.50
C CYS A 341 9.66 -30.19 19.43
N VAL A 342 10.24 -30.53 20.57
CA VAL A 342 10.50 -29.61 21.66
C VAL A 342 11.90 -29.93 22.14
N PRO A 343 12.72 -28.95 22.50
CA PRO A 343 14.04 -29.24 23.07
C PRO A 343 13.94 -29.65 24.53
N THR A 344 14.91 -30.45 24.95
CA THR A 344 15.01 -31.05 26.28
C THR A 344 16.27 -30.64 27.04
N SER A 345 17.37 -30.41 26.35
CA SER A 345 18.64 -30.06 26.98
C SER A 345 19.48 -29.40 25.91
N VAL A 346 20.44 -28.59 26.33
CA VAL A 346 21.50 -28.13 25.46
C VAL A 346 22.79 -28.10 26.27
N ARG A 347 23.81 -28.79 25.80
CA ARG A 347 25.10 -28.74 26.48
C ARG A 347 26.18 -28.31 25.49
N CYS A 348 27.31 -27.95 26.06
CA CYS A 348 28.40 -27.36 25.32
C CYS A 348 29.51 -28.40 25.15
N LEU A 349 30.04 -28.54 23.95
CA LEU A 349 31.20 -29.41 23.73
C LEU A 349 32.45 -28.68 23.40
N GLU A 350 32.30 -27.60 22.68
CA GLU A 350 33.45 -26.87 22.21
C GLU A 350 33.07 -25.40 22.46
N GLU A 351 34.01 -24.47 22.51
CA GLU A 351 33.57 -23.17 22.98
C GLU A 351 33.90 -22.07 21.98
N TYR A 352 33.09 -21.01 22.00
CA TYR A 352 33.40 -19.87 21.12
C TYR A 352 34.79 -19.38 21.46
N ASP A 353 35.49 -18.89 20.46
CA ASP A 353 36.86 -18.47 20.65
C ASP A 353 37.21 -17.31 19.72
N PRO A 354 37.23 -16.08 20.23
CA PRO A 354 37.75 -14.93 19.46
C PRO A 354 39.25 -14.95 19.27
N GLU A 355 39.94 -15.97 19.77
CA GLU A 355 41.35 -16.20 19.48
C GLU A 355 41.55 -17.07 18.25
N SER A 356 40.49 -17.34 17.47
CA SER A 356 40.61 -18.16 16.27
C SER A 356 39.44 -17.96 15.33
N GLY A 357 38.35 -17.36 15.83
CA GLY A 357 37.19 -17.14 15.01
C GLY A 357 36.41 -18.40 14.72
N LYS A 358 36.42 -19.35 15.65
CA LYS A 358 35.79 -20.65 15.47
C LYS A 358 34.67 -20.79 16.50
N LEU A 359 33.49 -21.13 16.01
CA LEU A 359 32.28 -21.08 16.80
C LEU A 359 32.13 -22.31 17.70
N ALA A 360 31.52 -22.08 18.85
CA ALA A 360 31.20 -23.14 19.78
C ALA A 360 30.35 -24.20 19.08
N ILE A 361 30.48 -25.44 19.54
CA ILE A 361 29.59 -26.51 19.13
C ILE A 361 28.70 -26.83 20.34
N TYR A 362 27.38 -26.79 20.14
CA TYR A 362 26.43 -27.22 21.15
C TYR A 362 25.61 -28.37 20.59
N GLU A 363 25.20 -29.29 21.45
CA GLU A 363 24.34 -30.40 21.06
C GLU A 363 23.05 -30.27 21.82
N VAL A 364 21.96 -30.39 21.07
CA VAL A 364 20.62 -30.19 21.58
C VAL A 364 19.88 -31.49 21.41
N GLU A 365 19.21 -31.93 22.47
CA GLU A 365 18.34 -33.09 22.43
C GLU A 365 16.89 -32.63 22.57
N GLY A 366 15.97 -33.53 22.19
CA GLY A 366 14.58 -33.19 22.21
C GLY A 366 13.69 -34.39 22.01
N LYS A 367 12.43 -34.20 22.36
CA LYS A 367 11.37 -35.19 22.23
C LYS A 367 10.49 -34.80 21.05
N HIS A 368 10.09 -35.79 20.24
CA HIS A 368 9.37 -35.59 18.98
C HIS A 368 7.85 -35.76 19.12
N GLU A 369 7.30 -35.48 20.30
CA GLU A 369 5.88 -35.72 20.56
C GLU A 369 5.48 -37.19 20.45
N ASP A 370 5.98 -37.91 19.44
CA ASP A 370 5.80 -39.35 19.37
C ASP A 370 6.74 -40.14 20.29
N GLY A 371 7.80 -39.52 20.80
CA GLY A 371 8.78 -40.15 21.69
C GLY A 371 10.18 -40.29 21.11
N THR A 372 10.31 -40.53 19.78
CA THR A 372 11.59 -40.53 19.10
C THR A 372 12.41 -39.37 19.66
N PRO A 373 13.65 -39.54 20.09
CA PRO A 373 14.39 -38.38 20.55
C PRO A 373 15.13 -37.73 19.39
N PHE A 374 15.48 -36.48 19.61
CA PHE A 374 16.18 -35.67 18.65
C PHE A 374 17.57 -35.41 19.20
N LYS A 375 18.57 -35.37 18.32
CA LYS A 375 19.93 -35.05 18.76
C LYS A 375 20.72 -34.61 17.55
N ASP A 376 21.29 -33.40 17.62
CA ASP A 376 22.16 -32.90 16.56
C ASP A 376 22.97 -31.75 17.14
N THR A 377 23.92 -31.25 16.35
CA THR A 377 24.90 -30.26 16.78
C THR A 377 24.58 -28.94 16.08
N PHE A 378 24.80 -27.82 16.78
CA PHE A 378 24.63 -26.46 16.23
C PHE A 378 25.70 -25.52 16.79
N ASN A 379 25.93 -24.41 16.08
CA ASN A 379 26.87 -23.42 16.60
C ASN A 379 26.18 -22.31 17.38
N THR A 380 24.89 -22.14 17.15
CA THR A 380 24.06 -21.15 17.80
C THR A 380 22.73 -21.81 18.08
N VAL A 381 22.23 -21.61 19.29
CA VAL A 381 20.86 -21.96 19.62
C VAL A 381 20.15 -20.64 19.89
N LEU A 382 19.10 -20.36 19.11
CA LEU A 382 18.34 -19.13 19.25
C LEU A 382 16.96 -19.49 19.77
N PHE A 383 16.62 -19.02 20.96
CA PHE A 383 15.32 -19.29 21.54
C PHE A 383 14.39 -18.14 21.18
N ALA A 384 13.34 -18.46 20.41
CA ALA A 384 12.33 -17.51 20.01
C ALA A 384 10.96 -18.12 20.25
N VAL A 385 10.60 -18.32 21.53
CA VAL A 385 9.38 -19.06 21.86
C VAL A 385 8.31 -18.19 22.47
N GLY A 386 8.58 -16.92 22.65
CA GLY A 386 7.61 -16.02 23.27
C GLY A 386 8.33 -14.98 24.09
N ARG A 387 7.55 -14.00 24.53
CA ARG A 387 8.07 -12.91 25.36
C ARG A 387 7.18 -12.72 26.56
N ASP A 388 7.80 -12.31 27.72
CA ASP A 388 7.04 -12.18 28.97
C ASP A 388 6.95 -10.73 29.43
N PRO A 389 5.78 -10.27 29.86
CA PRO A 389 5.68 -8.87 30.29
C PRO A 389 6.52 -8.65 31.53
N CYS A 390 7.14 -7.47 31.59
CA CYS A 390 7.96 -7.04 32.73
C CYS A 390 7.03 -6.48 33.79
N THR A 391 6.38 -7.39 34.51
CA THR A 391 5.46 -7.05 35.57
C THR A 391 5.92 -7.54 36.92
N THR A 392 6.96 -8.36 36.98
CA THR A 392 7.61 -8.72 38.23
C THR A 392 8.62 -7.65 38.62
N ASN A 393 8.79 -7.46 39.93
CA ASN A 393 9.78 -6.54 40.48
C ASN A 393 9.55 -5.10 40.04
N ILE A 394 8.31 -4.67 39.87
CA ILE A 394 8.06 -3.25 39.68
C ILE A 394 7.09 -2.68 40.71
N GLY A 395 6.72 -3.47 41.71
CA GLY A 395 5.93 -2.97 42.81
C GLY A 395 4.44 -3.05 42.60
N LEU A 396 3.96 -3.80 41.60
CA LEU A 396 2.53 -3.83 41.41
C LEU A 396 1.84 -4.53 42.57
N GLN A 397 2.56 -5.38 43.30
CA GLN A 397 2.03 -5.93 44.54
C GLN A 397 1.78 -4.84 45.60
N ASN A 398 2.60 -3.79 45.61
CA ASN A 398 2.50 -2.80 46.68
C ASN A 398 1.26 -1.93 46.54
N VAL A 399 0.81 -1.72 45.31
CA VAL A 399 -0.39 -0.94 45.04
C VAL A 399 -1.56 -1.80 44.59
N ASP A 400 -1.34 -3.10 44.36
CA ASP A 400 -2.41 -4.04 44.04
C ASP A 400 -3.02 -3.67 42.68
N VAL A 401 -2.16 -3.47 41.69
CA VAL A 401 -2.61 -3.30 40.31
C VAL A 401 -2.83 -4.68 39.70
N LYS A 402 -4.00 -4.88 39.11
CA LYS A 402 -4.41 -6.20 38.66
C LYS A 402 -3.65 -6.61 37.41
N THR A 403 -3.23 -7.87 37.35
CA THR A 403 -2.65 -8.45 36.14
C THR A 403 -3.45 -9.68 35.74
N THR A 404 -3.42 -10.00 34.45
CA THR A 404 -3.98 -11.25 33.95
C THR A 404 -3.03 -11.85 32.93
N ASN A 405 -2.64 -13.11 33.15
CA ASN A 405 -1.58 -13.85 32.43
C ASN A 405 -0.37 -12.95 32.15
N GLY A 406 0.10 -12.31 33.21
CA GLY A 406 1.30 -11.51 33.20
C GLY A 406 1.15 -10.08 32.73
N ARG A 407 0.02 -9.73 32.09
CA ARG A 407 -0.17 -8.40 31.51
C ARG A 407 -0.98 -7.51 32.41
N VAL A 408 -0.58 -6.23 32.50
CA VAL A 408 -1.29 -5.27 33.31
C VAL A 408 -2.65 -4.99 32.69
N VAL A 409 -3.71 -5.18 33.45
CA VAL A 409 -5.07 -4.95 32.99
C VAL A 409 -5.35 -3.44 32.99
N VAL A 410 -6.16 -3.00 32.01
CA VAL A 410 -6.33 -1.58 31.71
C VAL A 410 -7.67 -1.37 31.02
N ASP A 411 -8.28 -0.21 31.25
CA ASP A 411 -9.55 0.10 30.62
C ASP A 411 -9.29 0.68 29.22
N ASP A 412 -10.28 1.38 28.66
CA ASP A 412 -10.14 1.91 27.32
C ASP A 412 -9.34 3.20 27.28
N GLU A 413 -8.99 3.74 28.45
CA GLU A 413 -8.05 4.85 28.54
C GLU A 413 -6.68 4.41 29.07
N GLU A 414 -6.39 3.09 29.03
CA GLU A 414 -5.11 2.51 29.42
C GLU A 414 -4.79 2.71 30.91
N ARG A 415 -5.83 2.88 31.73
CA ARG A 415 -5.79 3.06 33.18
C ARG A 415 -5.99 1.74 33.91
N THR A 416 -5.32 1.59 35.06
CA THR A 416 -5.41 0.37 35.83
C THR A 416 -6.53 0.50 36.85
N ASN A 417 -6.55 -0.42 37.83
CA ASN A 417 -7.53 -0.38 38.91
C ASN A 417 -7.20 0.66 39.96
N VAL A 418 -6.03 1.28 39.91
CA VAL A 418 -5.70 2.44 40.74
C VAL A 418 -5.77 3.67 39.83
N PRO A 419 -6.61 4.66 40.15
CA PRO A 419 -6.98 5.67 39.13
C PRO A 419 -5.85 6.54 38.64
N ASN A 420 -4.68 6.53 39.27
CA ASN A 420 -3.56 7.33 38.78
C ASN A 420 -2.41 6.49 38.25
N ILE A 421 -2.62 5.19 38.03
CA ILE A 421 -1.58 4.30 37.50
C ILE A 421 -2.07 3.80 36.14
N TYR A 422 -1.27 4.00 35.10
CA TYR A 422 -1.61 3.61 33.75
C TYR A 422 -0.59 2.63 33.19
N ALA A 423 -0.94 1.99 32.07
CA ALA A 423 -0.03 1.05 31.44
C ALA A 423 -0.24 1.08 29.93
N ILE A 424 0.87 1.17 29.17
CA ILE A 424 0.82 1.36 27.73
C ILE A 424 1.84 0.46 27.05
N GLY A 425 1.56 0.15 25.80
CA GLY A 425 2.47 -0.67 25.02
C GLY A 425 2.25 -2.13 25.35
N ASP A 426 3.35 -2.89 25.30
CA ASP A 426 3.25 -4.34 25.30
C ASP A 426 2.87 -4.94 26.64
N VAL A 427 3.12 -4.23 27.75
CA VAL A 427 2.76 -4.69 29.09
C VAL A 427 1.26 -4.60 29.34
N SER A 428 0.53 -3.80 28.54
CA SER A 428 -0.93 -3.81 28.51
C SER A 428 -1.44 -5.19 28.16
N ASN A 429 -2.70 -5.42 28.50
CA ASN A 429 -3.49 -6.48 27.88
C ASN A 429 -4.36 -5.96 26.74
N ALA A 430 -4.10 -4.75 26.25
CA ALA A 430 -4.84 -4.18 25.14
C ALA A 430 -3.97 -4.21 23.89
N GLY A 431 -4.50 -4.83 22.84
CA GLY A 431 -3.95 -4.68 21.52
C GLY A 431 -2.78 -5.61 21.24
N TYR A 432 -2.34 -5.56 20.01
CA TYR A 432 -1.18 -6.34 19.62
C TYR A 432 0.06 -5.72 20.23
N GLN A 433 1.13 -6.52 20.32
CA GLN A 433 2.44 -6.02 20.76
C GLN A 433 3.16 -5.43 19.55
N LEU A 434 2.83 -4.17 19.25
CA LEU A 434 3.35 -3.45 18.08
C LEU A 434 3.73 -2.06 18.52
N THR A 435 4.79 -1.53 17.94
CA THR A 435 5.24 -0.23 18.44
C THR A 435 4.32 0.90 17.98
N PRO A 436 3.79 0.91 16.76
CA PRO A 436 2.81 1.96 16.44
C PRO A 436 1.61 1.97 17.37
N LEU A 437 1.22 0.83 17.94
CA LEU A 437 0.22 0.84 19.02
C LEU A 437 0.74 1.53 20.26
N ALA A 438 1.95 1.16 20.69
CA ALA A 438 2.57 1.79 21.85
C ALA A 438 2.66 3.30 21.66
N ILE A 439 3.10 3.72 20.48
CA ILE A 439 3.23 5.15 20.22
C ILE A 439 1.87 5.82 20.23
N GLN A 440 0.85 5.24 19.60
CA GLN A 440 -0.46 5.89 19.63
C GLN A 440 -1.03 5.96 21.04
N ALA A 441 -0.96 4.85 21.79
CA ALA A 441 -1.42 4.91 23.17
C ALA A 441 -0.70 6.00 23.95
N GLY A 442 0.59 6.16 23.72
CA GLY A 442 1.33 7.27 24.29
C GLY A 442 0.76 8.63 23.90
N LYS A 443 0.64 8.92 22.60
CA LYS A 443 0.25 10.27 22.22
C LYS A 443 -1.15 10.59 22.73
N ASN A 444 -2.08 9.64 22.61
CA ASN A 444 -3.44 9.93 23.06
C ASN A 444 -3.50 10.05 24.57
N LEU A 445 -2.78 9.20 25.30
CA LEU A 445 -2.80 9.32 26.76
C LEU A 445 -2.24 10.68 27.19
N ALA A 446 -1.17 11.13 26.54
CA ALA A 446 -0.60 12.42 26.86
C ALA A 446 -1.64 13.52 26.70
N ARG A 447 -2.50 13.42 25.67
CA ARG A 447 -3.41 14.53 25.48
C ARG A 447 -4.67 14.41 26.33
N ARG A 448 -5.00 13.22 26.83
CA ARG A 448 -6.05 13.18 27.84
C ARG A 448 -5.55 13.69 29.18
N LEU A 449 -4.32 13.34 29.57
CA LEU A 449 -3.79 13.73 30.88
C LEU A 449 -3.55 15.23 30.99
N TYR A 450 -2.99 15.86 29.95
CA TYR A 450 -2.44 17.21 30.08
C TYR A 450 -3.05 18.23 29.12
N THR A 451 -4.09 17.86 28.33
CA THR A 451 -4.93 18.85 27.67
C THR A 451 -6.42 18.58 27.89
N ALA A 452 -6.77 17.53 28.64
CA ALA A 452 -8.16 17.15 28.94
C ALA A 452 -8.98 16.74 27.71
N ASP A 453 -8.33 16.19 26.67
CA ASP A 453 -9.05 15.69 25.50
C ASP A 453 -9.70 14.34 25.79
N ASP A 454 -10.56 13.90 24.88
CA ASP A 454 -11.23 12.61 25.01
C ASP A 454 -10.83 11.64 23.89
N CYS A 455 -9.69 11.88 23.25
CA CYS A 455 -9.25 11.02 22.17
C CYS A 455 -8.82 9.66 22.72
N ARG A 456 -9.43 8.61 22.21
CA ARG A 456 -8.98 7.29 22.61
C ARG A 456 -8.36 6.50 21.47
N THR A 457 -7.44 5.65 21.87
CA THR A 457 -6.71 4.85 20.92
C THR A 457 -7.61 3.71 20.47
N ASP A 458 -7.62 3.45 19.16
CA ASP A 458 -8.50 2.45 18.57
C ASP A 458 -7.69 1.20 18.26
N TYR A 459 -8.06 0.08 18.87
CA TYR A 459 -7.30 -1.16 18.76
C TYR A 459 -7.91 -2.13 17.75
N THR A 460 -9.00 -1.77 17.07
CA THR A 460 -9.62 -2.58 16.02
C THR A 460 -8.94 -2.33 14.67
N ASN A 461 -8.87 -3.37 13.84
CA ASN A 461 -8.36 -3.21 12.47
C ASN A 461 -6.90 -2.80 12.50
N VAL A 462 -6.15 -3.27 13.48
CA VAL A 462 -4.75 -2.94 13.52
C VAL A 462 -4.02 -3.83 12.52
N PRO A 463 -3.25 -3.26 11.62
CA PRO A 463 -2.46 -4.04 10.66
C PRO A 463 -1.16 -4.53 11.27
N THR A 464 -0.76 -5.71 10.83
CA THR A 464 0.53 -6.31 11.15
C THR A 464 1.20 -6.77 9.85
N THR A 465 2.52 -6.96 9.89
CA THR A 465 3.20 -7.58 8.77
C THR A 465 4.36 -8.43 9.28
N VAL A 466 4.52 -9.63 8.72
CA VAL A 466 5.57 -10.56 9.14
C VAL A 466 6.63 -10.59 8.05
N PHE A 467 7.86 -10.20 8.38
CA PHE A 467 8.92 -10.06 7.38
C PHE A 467 9.73 -11.35 7.23
N THR A 468 8.99 -12.43 6.99
CA THR A 468 9.56 -13.68 6.49
C THR A 468 10.05 -13.47 5.05
N PRO A 469 10.91 -14.37 4.52
CA PRO A 469 11.53 -14.10 3.20
C PRO A 469 10.55 -13.65 2.12
N LEU A 470 9.38 -14.27 2.06
CA LEU A 470 8.21 -13.69 1.41
C LEU A 470 7.30 -13.17 2.53
N GLU A 471 6.90 -11.91 2.41
CA GLU A 471 6.25 -11.21 3.50
C GLU A 471 4.75 -11.51 3.54
N TYR A 472 4.17 -11.33 4.71
CA TYR A 472 2.75 -11.63 4.93
C TYR A 472 2.17 -10.48 5.74
N GLY A 473 1.25 -9.72 5.14
CA GLY A 473 0.58 -8.63 5.83
C GLY A 473 -0.88 -8.99 6.02
N CYS A 474 -1.48 -8.52 7.12
CA CYS A 474 -2.88 -8.85 7.34
C CYS A 474 -3.53 -7.81 8.23
N ILE A 475 -4.86 -7.71 8.11
CA ILE A 475 -5.71 -6.81 8.90
C ILE A 475 -6.96 -7.59 9.28
N GLY A 476 -7.41 -7.43 10.50
CA GLY A 476 -8.70 -7.99 10.83
C GLY A 476 -8.62 -9.46 11.16
N LEU A 477 -9.69 -10.18 10.84
CA LEU A 477 -9.85 -11.55 11.28
C LEU A 477 -9.22 -12.54 10.32
N SER A 478 -8.65 -13.60 10.89
CA SER A 478 -8.32 -14.76 10.10
C SER A 478 -9.60 -15.40 9.56
N GLU A 479 -9.44 -16.24 8.54
CA GLU A 479 -10.59 -16.88 7.96
C GLU A 479 -11.24 -17.79 9.00
N GLU A 480 -10.43 -18.46 9.82
CA GLU A 480 -10.97 -19.41 10.78
C GLU A 480 -11.66 -18.69 11.93
N ASN A 481 -11.17 -17.50 12.33
CA ASN A 481 -11.89 -16.79 13.40
C ASN A 481 -13.12 -16.09 12.87
N ALA A 482 -13.11 -15.63 11.62
CA ALA A 482 -14.32 -15.05 11.06
C ALA A 482 -15.43 -16.09 10.95
N ILE A 483 -15.10 -17.28 10.46
CA ILE A 483 -16.09 -18.36 10.35
C ILE A 483 -16.64 -18.71 11.71
N SER A 484 -15.79 -18.72 12.74
CA SER A 484 -16.27 -18.97 14.09
C SER A 484 -17.15 -17.81 14.58
N LYS A 485 -16.68 -16.57 14.45
CA LYS A 485 -17.46 -15.44 14.95
C LYS A 485 -18.80 -15.29 14.24
N PHE A 486 -18.83 -15.44 12.90
CA PHE A 486 -20.02 -15.08 12.13
C PHE A 486 -20.74 -16.26 11.50
N GLY A 487 -20.11 -17.43 11.42
CA GLY A 487 -20.75 -18.60 10.82
C GLY A 487 -20.51 -18.79 9.34
N GLU A 488 -20.28 -20.03 8.89
CA GLU A 488 -19.95 -20.18 7.49
C GLU A 488 -21.15 -19.88 6.60
N ASP A 489 -22.35 -19.83 7.16
CA ASP A 489 -23.47 -19.36 6.35
C ASP A 489 -23.45 -17.86 6.20
N ASN A 490 -22.43 -17.19 6.73
CA ASN A 490 -22.29 -15.76 6.52
C ASN A 490 -20.97 -15.32 5.92
N ILE A 491 -19.99 -16.20 5.74
CA ILE A 491 -18.66 -15.79 5.27
C ILE A 491 -18.48 -16.18 3.82
N GLU A 492 -17.97 -15.26 3.02
CA GLU A 492 -17.44 -15.55 1.71
C GLU A 492 -15.98 -15.15 1.71
N VAL A 493 -15.15 -15.93 1.02
CA VAL A 493 -13.73 -15.65 0.93
C VAL A 493 -13.40 -15.52 -0.53
N PHE A 494 -13.01 -14.32 -0.96
CA PHE A 494 -12.48 -14.15 -2.30
C PHE A 494 -10.96 -14.32 -2.24
N HIS A 495 -10.40 -14.98 -3.25
CA HIS A 495 -8.97 -15.12 -3.27
C HIS A 495 -8.45 -15.19 -4.70
N SER A 496 -7.13 -15.12 -4.82
CA SER A 496 -6.43 -15.25 -6.07
C SER A 496 -4.95 -15.42 -5.77
N TYR A 497 -4.25 -16.23 -6.56
CA TYR A 497 -2.80 -16.12 -6.62
C TYR A 497 -2.43 -14.92 -7.49
N PHE A 498 -1.16 -14.53 -7.46
CA PHE A 498 -0.69 -13.51 -8.39
C PHE A 498 0.82 -13.60 -8.52
N GLN A 499 1.32 -12.95 -9.57
CA GLN A 499 2.72 -13.05 -9.98
C GLN A 499 3.25 -11.64 -10.17
N PRO A 500 4.01 -11.12 -9.22
CA PRO A 500 4.58 -9.78 -9.38
C PRO A 500 5.28 -9.64 -10.72
N LEU A 501 5.04 -8.51 -11.43
CA LEU A 501 5.68 -8.38 -12.72
C LEU A 501 7.19 -8.43 -12.56
N GLU A 502 7.71 -8.01 -11.41
CA GLU A 502 9.15 -8.08 -11.17
C GLU A 502 9.69 -9.49 -11.20
N TRP A 503 8.82 -10.50 -11.21
CA TRP A 503 9.23 -11.90 -11.16
C TRP A 503 9.17 -12.64 -12.48
N THR A 504 8.62 -12.04 -13.54
CA THR A 504 8.46 -12.84 -14.73
C THR A 504 9.78 -12.96 -15.50
N VAL A 505 10.42 -11.83 -15.78
CA VAL A 505 11.78 -11.92 -16.39
C VAL A 505 12.67 -12.84 -15.57
N PRO A 506 12.77 -12.72 -14.24
CA PRO A 506 13.65 -13.63 -13.47
C PRO A 506 13.16 -15.06 -13.35
N HIS A 507 11.96 -15.42 -13.83
CA HIS A 507 11.46 -16.82 -13.77
C HIS A 507 11.36 -17.35 -12.33
N ARG A 508 10.79 -16.56 -11.45
CA ARG A 508 10.37 -17.03 -10.14
C ARG A 508 8.97 -17.62 -10.22
N PRO A 509 8.59 -18.50 -9.29
CA PRO A 509 7.46 -19.40 -9.54
C PRO A 509 6.12 -18.67 -9.36
N ASP A 510 5.29 -18.68 -10.41
CA ASP A 510 3.97 -18.08 -10.38
C ASP A 510 3.13 -18.93 -9.39
N ASN A 511 1.88 -18.53 -9.09
CA ASN A 511 1.03 -19.21 -8.10
C ASN A 511 1.78 -19.51 -6.79
N THR A 512 2.47 -18.50 -6.26
CA THR A 512 3.03 -18.50 -4.91
C THR A 512 2.43 -17.38 -4.09
N CYS A 513 2.55 -16.14 -4.56
CA CYS A 513 1.92 -15.01 -3.91
C CYS A 513 0.42 -15.17 -3.97
N TYR A 514 -0.24 -14.67 -2.92
CA TYR A 514 -1.63 -15.01 -2.67
C TYR A 514 -2.30 -13.82 -2.01
N ALA A 515 -3.54 -13.55 -2.39
CA ALA A 515 -4.35 -12.47 -1.83
C ALA A 515 -5.70 -13.05 -1.44
N LYS A 516 -6.20 -12.74 -0.25
CA LYS A 516 -7.59 -13.13 -0.01
C LYS A 516 -8.28 -12.10 0.88
N LEU A 517 -9.57 -11.91 0.67
CA LEU A 517 -10.43 -11.02 1.46
C LEU A 517 -11.51 -11.85 2.16
N ILE A 518 -11.69 -11.65 3.45
CA ILE A 518 -12.77 -12.29 4.18
C ILE A 518 -13.94 -11.33 4.25
N ILE A 519 -15.11 -11.80 3.85
CA ILE A 519 -16.30 -10.99 3.65
C ILE A 519 -17.39 -11.52 4.56
N ASN A 520 -18.08 -10.61 5.26
CA ASN A 520 -19.23 -10.96 6.09
C ASN A 520 -20.47 -10.54 5.28
N LYS A 521 -21.08 -11.52 4.60
CA LYS A 521 -22.16 -11.18 3.67
C LYS A 521 -23.36 -10.60 4.39
N GLN A 522 -23.55 -10.95 5.64
CA GLN A 522 -24.70 -10.51 6.40
C GLN A 522 -24.60 -9.04 6.83
N ASP A 523 -23.42 -8.43 6.75
CA ASP A 523 -23.29 -7.02 7.12
C ASP A 523 -22.86 -6.26 5.85
N ASP A 524 -23.68 -6.33 4.80
CA ASP A 524 -23.46 -5.61 3.55
C ASP A 524 -22.10 -5.99 2.95
N ASN A 525 -21.74 -7.26 3.07
CA ASN A 525 -20.48 -7.77 2.53
C ASN A 525 -19.28 -7.00 3.08
N ARG A 526 -19.22 -6.86 4.39
CA ARG A 526 -18.15 -6.07 4.93
C ARG A 526 -16.84 -6.83 4.91
N VAL A 527 -15.76 -6.12 4.62
CA VAL A 527 -14.43 -6.71 4.67
C VAL A 527 -14.06 -6.82 6.13
N VAL A 528 -14.07 -8.05 6.65
CA VAL A 528 -13.68 -8.31 8.03
C VAL A 528 -12.28 -8.86 8.13
N GLY A 529 -11.63 -9.20 7.02
CA GLY A 529 -10.25 -9.65 7.05
C GLY A 529 -9.53 -9.44 5.73
N PHE A 530 -8.21 -9.27 5.81
CA PHE A 530 -7.41 -8.89 4.65
C PHE A 530 -6.07 -9.59 4.77
N HIS A 531 -5.68 -10.37 3.76
CA HIS A 531 -4.43 -11.14 3.83
C HIS A 531 -3.70 -11.12 2.52
N VAL A 532 -2.41 -10.84 2.57
CA VAL A 532 -1.59 -10.77 1.36
C VAL A 532 -0.27 -11.43 1.68
N PHE A 533 0.25 -12.17 0.71
CA PHE A 533 1.50 -12.90 0.86
C PHE A 533 2.25 -12.63 -0.42
N GLY A 534 3.31 -11.85 -0.36
CA GLY A 534 3.99 -11.40 -1.54
C GLY A 534 5.05 -10.38 -1.18
N PRO A 535 5.74 -9.82 -2.15
CA PRO A 535 6.76 -8.82 -1.83
C PRO A 535 6.08 -7.52 -1.39
N ASN A 536 6.77 -6.78 -0.51
CA ASN A 536 6.32 -5.48 -0.02
C ASN A 536 4.94 -5.57 0.62
N ALA A 537 4.75 -6.61 1.44
CA ALA A 537 3.43 -6.82 2.03
C ALA A 537 3.09 -5.72 3.02
N GLY A 538 4.08 -5.13 3.68
CA GLY A 538 3.82 -3.99 4.55
C GLY A 538 3.26 -2.79 3.83
N GLU A 539 3.74 -2.48 2.63
CA GLU A 539 3.25 -1.25 2.02
C GLU A 539 1.99 -1.47 1.24
N VAL A 540 1.78 -2.69 0.75
CA VAL A 540 0.48 -3.05 0.20
C VAL A 540 -0.60 -2.83 1.23
N THR A 541 -0.38 -3.34 2.44
CA THR A 541 -1.43 -3.52 3.43
C THR A 541 -1.86 -2.19 4.04
N GLN A 542 -0.92 -1.28 4.29
CA GLN A 542 -1.18 -0.15 5.19
C GLN A 542 -2.43 0.65 4.78
N GLY A 543 -2.49 1.10 3.52
CA GLY A 543 -3.63 1.90 3.07
C GLY A 543 -4.98 1.24 3.31
N TYR A 544 -5.09 -0.08 3.06
CA TYR A 544 -6.39 -0.74 3.24
C TYR A 544 -6.85 -0.73 4.68
N ALA A 545 -5.93 -0.61 5.64
CA ALA A 545 -6.36 -0.50 7.01
C ALA A 545 -7.19 0.77 7.23
N VAL A 546 -6.90 1.84 6.47
CA VAL A 546 -7.77 3.01 6.56
C VAL A 546 -9.15 2.69 5.99
N ALA A 547 -9.20 1.98 4.87
CA ALA A 547 -10.51 1.68 4.29
C ALA A 547 -11.34 0.79 5.22
N MET A 548 -10.70 -0.09 6.01
CA MET A 548 -11.52 -0.92 6.89
C MET A 548 -12.01 -0.17 8.12
N HIS A 549 -11.27 0.85 8.59
CA HIS A 549 -11.85 1.69 9.63
C HIS A 549 -13.11 2.39 9.13
N LEU A 550 -13.14 2.80 7.86
CA LEU A 550 -14.33 3.34 7.22
C LEU A 550 -15.33 2.27 6.82
N GLY A 551 -15.11 1.01 7.19
CA GLY A 551 -16.12 0.01 6.93
C GLY A 551 -16.24 -0.49 5.51
N ALA A 552 -15.12 -0.62 4.81
CA ALA A 552 -15.14 -1.03 3.40
C ALA A 552 -15.86 -2.36 3.20
N ARG A 553 -16.60 -2.44 2.11
CA ARG A 553 -17.26 -3.65 1.70
C ARG A 553 -16.61 -4.15 0.44
N LYS A 554 -16.98 -5.37 0.04
CA LYS A 554 -16.48 -5.89 -1.24
C LYS A 554 -16.82 -4.93 -2.39
N GLU A 555 -18.07 -4.41 -2.44
CA GLU A 555 -18.47 -3.37 -3.40
C GLU A 555 -17.36 -2.32 -3.51
N ASP A 556 -16.78 -1.91 -2.37
CA ASP A 556 -15.89 -0.76 -2.36
C ASP A 556 -14.53 -1.09 -2.96
N PHE A 557 -14.01 -2.31 -2.74
CA PHE A 557 -12.76 -2.69 -3.42
C PHE A 557 -12.91 -2.74 -4.93
N ASP A 558 -14.05 -3.21 -5.42
CA ASP A 558 -14.23 -3.40 -6.86
C ASP A 558 -14.45 -2.08 -7.59
N ARG A 559 -15.10 -1.12 -6.93
CA ARG A 559 -15.31 0.22 -7.45
C ARG A 559 -13.97 0.95 -7.59
N THR A 560 -13.02 0.63 -6.73
CA THR A 560 -11.69 1.21 -6.79
C THR A 560 -10.92 0.67 -7.99
N ILE A 561 -10.28 1.57 -8.70
CA ILE A 561 -9.50 1.24 -9.89
C ILE A 561 -8.08 0.87 -9.46
N GLY A 562 -7.56 -0.20 -10.02
CA GLY A 562 -6.22 -0.59 -9.65
C GLY A 562 -5.18 0.33 -10.24
N ILE A 563 -4.00 0.30 -9.62
CA ILE A 563 -2.77 0.87 -10.14
C ILE A 563 -1.98 -0.21 -10.86
N HIS A 564 -1.69 -0.02 -12.15
CA HIS A 564 -0.98 -1.03 -12.95
C HIS A 564 0.40 -0.53 -13.34
N PRO A 565 1.43 -1.39 -13.25
CA PRO A 565 1.54 -2.77 -12.74
C PRO A 565 1.99 -2.84 -11.26
N THR A 566 1.09 -3.23 -10.37
CA THR A 566 1.45 -3.39 -8.96
C THR A 566 0.92 -4.73 -8.48
N CYS A 567 1.45 -5.15 -7.33
CA CYS A 567 0.90 -6.32 -6.65
C CYS A 567 -0.41 -5.99 -5.97
N SER A 568 -0.50 -4.77 -5.41
CA SER A 568 -1.66 -4.36 -4.64
C SER A 568 -2.92 -4.28 -5.48
N GLU A 569 -2.81 -4.07 -6.79
CA GLU A 569 -4.04 -3.95 -7.58
C GLU A 569 -4.86 -5.24 -7.62
N THR A 570 -4.27 -6.41 -7.29
CA THR A 570 -5.09 -7.60 -7.41
C THR A 570 -6.27 -7.55 -6.46
N PHE A 571 -6.20 -6.74 -5.40
CA PHE A 571 -7.34 -6.59 -4.50
C PHE A 571 -8.49 -5.78 -5.09
N THR A 572 -8.30 -5.09 -6.20
CA THR A 572 -9.39 -4.37 -6.84
C THR A 572 -10.17 -5.24 -7.83
N THR A 573 -9.75 -6.50 -8.03
CA THR A 573 -10.34 -7.39 -9.02
C THR A 573 -10.50 -8.82 -8.51
N LEU A 574 -10.69 -9.05 -7.22
CA LEU A 574 -10.96 -10.41 -6.78
C LEU A 574 -12.35 -10.83 -7.23
N ARG A 575 -12.46 -12.07 -7.63
CA ARG A 575 -13.55 -12.53 -8.48
C ARG A 575 -14.01 -13.89 -7.99
N VAL A 576 -13.03 -14.69 -7.58
CA VAL A 576 -13.16 -16.12 -7.35
C VAL A 576 -13.42 -16.36 -5.88
N THR A 577 -14.51 -17.06 -5.55
CA THR A 577 -14.78 -17.38 -4.16
C THR A 577 -14.28 -18.79 -3.83
N LYS A 578 -14.32 -19.11 -2.55
CA LYS A 578 -13.92 -20.43 -2.10
C LYS A 578 -15.08 -21.40 -2.11
N SER A 579 -16.27 -20.94 -1.71
CA SER A 579 -17.45 -21.80 -1.76
C SER A 579 -17.74 -22.25 -3.19
N SER A 580 -17.32 -21.46 -4.18
CA SER A 580 -17.53 -21.85 -5.58
C SER A 580 -16.61 -22.97 -6.01
N GLY A 581 -15.52 -23.17 -5.28
CA GLY A 581 -14.58 -24.20 -5.64
C GLY A 581 -13.78 -23.89 -6.87
N ALA A 582 -14.11 -22.81 -7.59
CA ALA A 582 -13.36 -22.47 -8.78
C ALA A 582 -11.90 -22.25 -8.41
N SER A 583 -11.05 -22.36 -9.41
CA SER A 583 -9.62 -22.29 -9.18
C SER A 583 -9.16 -20.86 -8.96
N ALA A 584 -8.19 -20.71 -8.07
CA ALA A 584 -7.65 -19.38 -7.80
C ALA A 584 -6.35 -19.16 -8.57
N SER B 1 -38.04 5.82 -12.56
CA SER B 1 -39.10 5.31 -13.41
C SER B 1 -39.20 6.01 -14.76
N ALA B 2 -40.10 5.48 -15.59
CA ALA B 2 -40.37 5.92 -16.96
C ALA B 2 -39.14 5.99 -17.84
N GLU B 3 -38.18 6.85 -17.50
CA GLU B 3 -36.95 6.91 -18.29
C GLU B 3 -36.10 5.67 -18.06
N GLN B 4 -35.96 5.25 -16.80
CA GLN B 4 -35.16 4.06 -16.51
C GLN B 4 -35.85 2.79 -17.00
N VAL B 5 -37.19 2.76 -17.05
CA VAL B 5 -37.87 1.57 -17.57
C VAL B 5 -37.52 1.34 -19.03
N GLU B 6 -37.31 2.41 -19.79
CA GLU B 6 -36.96 2.22 -21.20
C GLU B 6 -35.48 1.96 -21.35
N LYS B 7 -34.66 2.47 -20.42
CA LYS B 7 -33.24 2.16 -20.45
C LYS B 7 -33.00 0.66 -20.31
N LEU B 8 -33.93 -0.11 -19.72
CA LEU B 8 -33.76 -1.56 -19.49
C LEU B 8 -34.33 -2.39 -20.63
N ARG B 9 -35.43 -1.92 -21.19
CA ARG B 9 -35.93 -2.34 -22.48
C ARG B 9 -34.83 -2.46 -23.51
N ASN B 10 -33.97 -1.44 -23.46
CA ASN B 10 -32.92 -1.28 -24.46
C ASN B 10 -31.81 -2.30 -24.28
N LYS B 11 -31.26 -2.41 -23.06
CA LYS B 11 -30.27 -3.46 -22.83
C LYS B 11 -30.90 -4.86 -22.98
N ILE B 12 -32.22 -5.02 -22.79
CA ILE B 12 -32.81 -6.33 -23.14
C ILE B 12 -32.74 -6.56 -24.65
N ASN B 13 -33.00 -5.54 -25.44
CA ASN B 13 -33.10 -5.74 -26.88
C ASN B 13 -31.74 -5.87 -27.55
N ASN B 14 -30.69 -5.27 -27.00
CA ASN B 14 -29.37 -5.39 -27.61
C ASN B 14 -28.51 -6.42 -26.91
N ALA B 15 -29.11 -7.20 -26.03
CA ALA B 15 -28.47 -8.36 -25.43
C ALA B 15 -28.51 -9.56 -26.39
N ALA B 16 -27.95 -10.67 -25.94
CA ALA B 16 -28.04 -11.96 -26.62
C ALA B 16 -29.06 -12.82 -25.89
N VAL B 17 -28.75 -14.02 -25.45
CA VAL B 17 -29.66 -14.77 -24.59
C VAL B 17 -29.57 -14.20 -23.19
N LEU B 18 -30.71 -13.88 -22.59
CA LEU B 18 -30.75 -13.16 -21.32
C LEU B 18 -31.70 -13.84 -20.36
N VAL B 19 -31.28 -14.01 -19.11
CA VAL B 19 -32.08 -14.70 -18.10
C VAL B 19 -32.04 -13.90 -16.81
N PHE B 20 -33.18 -13.36 -16.39
CA PHE B 20 -33.31 -12.68 -15.12
C PHE B 20 -33.69 -13.70 -14.05
N ALA B 21 -32.87 -13.80 -13.00
CA ALA B 21 -32.99 -14.90 -12.06
C ALA B 21 -32.86 -14.43 -10.62
N LYS B 22 -33.06 -15.38 -9.71
CA LYS B 22 -32.81 -15.27 -8.29
C LYS B 22 -32.13 -16.55 -7.83
N SER B 23 -31.35 -16.46 -6.75
CA SER B 23 -30.57 -17.61 -6.30
C SER B 23 -31.35 -18.55 -5.38
N PHE B 24 -32.58 -18.19 -4.98
CA PHE B 24 -33.43 -19.05 -4.17
C PHE B 24 -33.92 -20.28 -4.94
N CYS B 25 -33.92 -20.19 -6.27
CA CYS B 25 -34.97 -20.79 -7.11
C CYS B 25 -34.49 -21.98 -7.92
N PRO B 26 -35.01 -23.20 -7.70
CA PRO B 26 -34.77 -24.27 -8.70
C PRO B 26 -35.33 -23.94 -10.07
N TYR B 27 -36.47 -23.24 -10.15
CA TYR B 27 -37.06 -22.91 -11.44
C TYR B 27 -36.05 -22.20 -12.36
N CYS B 28 -35.19 -21.35 -11.80
CA CYS B 28 -34.14 -20.73 -12.64
C CYS B 28 -33.04 -21.72 -12.96
N LYS B 29 -32.59 -22.45 -11.94
CA LYS B 29 -31.50 -23.41 -12.08
C LYS B 29 -31.82 -24.47 -13.11
N LYS B 30 -33.09 -24.87 -13.22
CA LYS B 30 -33.47 -25.85 -14.22
C LYS B 30 -33.43 -25.26 -15.63
N VAL B 31 -33.78 -23.97 -15.79
CA VAL B 31 -33.66 -23.38 -17.13
C VAL B 31 -32.20 -23.28 -17.55
N MET B 32 -31.33 -22.85 -16.63
CA MET B 32 -29.93 -22.64 -16.98
C MET B 32 -29.18 -23.96 -17.07
N GLU B 33 -29.49 -24.93 -16.19
CA GLU B 33 -28.92 -26.26 -16.40
C GLU B 33 -29.22 -26.73 -17.82
N ARG B 34 -30.40 -26.40 -18.33
CA ARG B 34 -30.77 -26.95 -19.61
C ARG B 34 -30.04 -26.22 -20.73
N PHE B 35 -29.85 -24.91 -20.61
CA PHE B 35 -29.01 -24.18 -21.55
C PHE B 35 -27.58 -24.71 -21.55
N ASN B 36 -27.00 -25.01 -20.38
CA ASN B 36 -25.62 -25.51 -20.38
C ASN B 36 -25.51 -26.90 -21.00
N ASN B 37 -26.50 -27.77 -20.81
CA ASN B 37 -26.33 -29.08 -21.45
C ASN B 37 -26.63 -29.00 -22.93
N LEU B 38 -27.42 -28.01 -23.37
CA LEU B 38 -27.68 -27.78 -24.78
C LEU B 38 -26.64 -26.88 -25.43
N LYS B 39 -25.55 -26.58 -24.71
CA LYS B 39 -24.47 -25.72 -25.18
C LYS B 39 -24.98 -24.37 -25.68
N ILE B 40 -25.82 -23.73 -24.87
CA ILE B 40 -26.36 -22.40 -25.14
C ILE B 40 -25.58 -21.40 -24.29
N PRO B 41 -24.69 -20.59 -24.87
CA PRO B 41 -24.19 -19.40 -24.15
C PRO B 41 -25.33 -18.44 -23.80
N PHE B 42 -25.40 -18.07 -22.53
CA PHE B 42 -26.35 -17.05 -22.09
C PHE B 42 -25.70 -16.18 -21.04
N GLY B 43 -26.33 -15.04 -20.80
CA GLY B 43 -25.94 -14.15 -19.73
C GLY B 43 -27.12 -13.94 -18.81
N TYR B 44 -26.86 -14.00 -17.51
CA TYR B 44 -27.92 -13.90 -16.53
C TYR B 44 -27.61 -12.74 -15.60
N LEU B 45 -28.64 -12.21 -14.99
CA LEU B 45 -28.45 -11.27 -13.91
C LEU B 45 -29.35 -11.68 -12.77
N ASP B 46 -28.78 -11.72 -11.58
CA ASP B 46 -29.39 -12.33 -10.42
C ASP B 46 -29.82 -11.18 -9.53
N LEU B 47 -31.12 -11.12 -9.24
CA LEU B 47 -31.77 -9.93 -8.69
C LEU B 47 -31.76 -9.86 -7.17
N ASP B 48 -31.39 -10.95 -6.48
CA ASP B 48 -31.08 -10.87 -5.05
C ASP B 48 -29.78 -10.13 -4.77
N LEU B 49 -28.84 -10.12 -5.71
CA LEU B 49 -27.57 -9.47 -5.49
C LEU B 49 -27.56 -8.04 -6.00
N LYS B 50 -28.73 -7.45 -6.20
CA LYS B 50 -28.81 -6.05 -6.56
C LYS B 50 -29.61 -5.36 -5.47
N LYS B 51 -29.04 -4.30 -4.91
CA LYS B 51 -29.71 -3.51 -3.88
C LYS B 51 -31.07 -3.01 -4.36
N ASN B 52 -31.16 -2.68 -5.64
CA ASN B 52 -32.40 -2.26 -6.28
C ASN B 52 -33.12 -3.42 -6.93
N GLY B 53 -32.81 -4.66 -6.53
CA GLY B 53 -33.39 -5.82 -7.18
C GLY B 53 -34.90 -5.82 -7.22
N SER B 54 -35.54 -5.17 -6.24
CA SER B 54 -36.99 -5.03 -6.26
C SER B 54 -37.47 -4.21 -7.46
N ASP B 55 -36.72 -3.17 -7.82
CA ASP B 55 -37.14 -2.31 -8.93
C ASP B 55 -36.98 -3.01 -10.28
N TYR B 56 -36.05 -3.96 -10.39
CA TYR B 56 -35.99 -4.75 -11.62
C TYR B 56 -37.20 -5.66 -11.75
N GLN B 57 -37.60 -6.31 -10.66
CA GLN B 57 -38.72 -7.23 -10.69
C GLN B 57 -40.06 -6.52 -10.87
N LYS B 58 -40.11 -5.20 -10.71
CA LYS B 58 -41.32 -4.52 -11.14
C LYS B 58 -41.15 -3.81 -12.48
N MET B 59 -39.94 -3.44 -12.90
CA MET B 59 -39.75 -2.99 -14.29
C MET B 59 -40.03 -4.10 -15.29
N LEU B 60 -39.55 -5.32 -15.02
CA LEU B 60 -39.81 -6.42 -15.95
C LEU B 60 -41.30 -6.68 -16.06
N GLN B 61 -42.02 -6.44 -14.97
CA GLN B 61 -43.45 -6.72 -14.99
C GLN B 61 -44.17 -5.71 -15.88
N GLU B 62 -43.52 -4.56 -16.16
CA GLU B 62 -44.02 -3.65 -17.18
C GLU B 62 -43.67 -4.07 -18.60
N ILE B 63 -42.50 -4.68 -18.80
CA ILE B 63 -42.19 -5.16 -20.15
C ILE B 63 -43.03 -6.39 -20.48
N THR B 64 -43.07 -7.37 -19.58
CA THR B 64 -43.61 -8.69 -19.88
C THR B 64 -44.98 -8.95 -19.26
N GLY B 65 -45.32 -8.27 -18.17
CA GLY B 65 -46.50 -8.60 -17.40
C GLY B 65 -46.39 -9.75 -16.43
N ARG B 66 -45.25 -10.46 -16.39
CA ARG B 66 -45.02 -11.47 -15.35
C ARG B 66 -44.23 -10.88 -14.19
N THR B 67 -44.54 -11.37 -12.99
CA THR B 67 -43.77 -11.08 -11.78
C THR B 67 -42.78 -12.18 -11.40
N THR B 68 -42.93 -13.39 -11.91
CA THR B 68 -42.06 -14.46 -11.43
C THR B 68 -40.69 -14.40 -12.11
N VAL B 69 -39.70 -14.98 -11.45
CA VAL B 69 -38.45 -15.37 -12.09
C VAL B 69 -38.37 -16.89 -12.19
N PRO B 70 -37.65 -17.44 -13.19
CA PRO B 70 -36.87 -16.85 -14.29
C PRO B 70 -37.74 -16.20 -15.37
N GLN B 71 -37.17 -15.23 -16.07
CA GLN B 71 -37.74 -14.68 -17.30
C GLN B 71 -36.63 -14.61 -18.35
N VAL B 72 -36.93 -15.08 -19.55
CA VAL B 72 -35.92 -15.39 -20.56
C VAL B 72 -36.19 -14.63 -21.84
N PHE B 73 -35.15 -14.00 -22.37
CA PHE B 73 -35.20 -13.26 -23.63
C PHE B 73 -34.13 -13.78 -24.57
N PHE B 74 -34.49 -13.91 -25.86
CA PHE B 74 -33.56 -14.19 -26.95
C PHE B 74 -33.44 -12.95 -27.81
N ARG B 75 -32.38 -12.18 -27.59
CA ARG B 75 -32.09 -10.96 -28.35
C ARG B 75 -33.33 -10.06 -28.48
N GLY B 76 -34.07 -9.91 -27.37
CA GLY B 76 -35.24 -9.08 -27.34
C GLY B 76 -36.57 -9.82 -27.38
N GLU B 77 -36.59 -11.04 -27.93
CA GLU B 77 -37.80 -11.86 -28.00
C GLU B 77 -38.06 -12.48 -26.62
N PHE B 78 -39.22 -12.20 -26.04
CA PHE B 78 -39.54 -12.71 -24.72
C PHE B 78 -40.09 -14.12 -24.83
N ILE B 79 -39.36 -15.12 -24.33
CA ILE B 79 -39.81 -16.52 -24.39
C ILE B 79 -40.61 -16.90 -23.15
N GLY B 80 -40.25 -16.40 -21.96
CA GLY B 80 -41.12 -16.63 -20.82
C GLY B 80 -40.39 -17.17 -19.63
N GLY B 81 -41.17 -17.77 -18.72
CA GLY B 81 -40.66 -18.35 -17.49
C GLY B 81 -40.24 -19.80 -17.67
N CYS B 82 -40.42 -20.58 -16.62
CA CYS B 82 -39.79 -21.90 -16.63
C CYS B 82 -40.52 -22.90 -17.53
N ASP B 83 -41.86 -22.91 -17.52
CA ASP B 83 -42.57 -23.84 -18.40
C ASP B 83 -42.60 -23.36 -19.85
N ASP B 84 -42.52 -22.05 -20.07
CA ASP B 84 -42.49 -21.58 -21.44
C ASP B 84 -41.23 -22.03 -22.17
N VAL B 85 -40.15 -22.34 -21.44
CA VAL B 85 -38.94 -22.86 -22.07
C VAL B 85 -38.94 -24.39 -22.10
N MET B 86 -39.60 -25.05 -21.15
CA MET B 86 -39.66 -26.52 -21.14
C MET B 86 -40.63 -27.09 -22.19
N ALA B 87 -40.99 -26.29 -23.18
CA ALA B 87 -41.56 -26.80 -24.42
C ALA B 87 -40.46 -26.76 -25.48
N ILE B 88 -40.85 -26.46 -26.72
CA ILE B 88 -39.92 -26.10 -27.80
C ILE B 88 -39.00 -27.25 -28.21
N ASP B 89 -38.68 -28.14 -27.26
CA ASP B 89 -37.74 -29.26 -27.35
C ASP B 89 -36.39 -28.89 -27.97
N ASP B 90 -35.42 -29.77 -27.80
CA ASP B 90 -33.98 -29.53 -27.95
C ASP B 90 -33.48 -29.05 -29.32
N ASP B 91 -34.34 -28.90 -30.35
CA ASP B 91 -33.81 -28.54 -31.68
C ASP B 91 -34.44 -27.37 -32.42
N THR B 92 -35.74 -27.19 -32.30
CA THR B 92 -36.25 -25.86 -32.67
C THR B 92 -35.93 -24.83 -31.60
N ILE B 93 -35.66 -25.40 -30.42
CA ILE B 93 -35.16 -24.63 -29.27
C ILE B 93 -33.68 -24.09 -29.65
N VAL B 94 -32.78 -25.02 -30.04
CA VAL B 94 -31.45 -24.52 -30.38
C VAL B 94 -31.44 -23.66 -31.64
N LYS B 95 -32.32 -23.90 -32.62
CA LYS B 95 -32.49 -22.96 -33.75
C LYS B 95 -32.94 -21.52 -33.34
N LYS B 96 -33.78 -21.34 -32.33
CA LYS B 96 -34.24 -19.97 -32.04
C LYS B 96 -33.12 -19.07 -31.46
N ALA B 97 -32.22 -19.66 -30.66
CA ALA B 97 -31.17 -18.92 -29.95
C ALA B 97 -29.95 -18.59 -30.80
N ASN B 98 -29.81 -19.14 -32.00
CA ASN B 98 -28.68 -18.84 -32.86
C ASN B 98 -29.13 -18.02 -34.05
N GLU B 99 -30.39 -17.62 -34.06
CA GLU B 99 -30.90 -16.70 -35.06
C GLU B 99 -30.55 -15.27 -34.68
N MET B 100 -30.05 -14.53 -35.67
CA MET B 100 -29.51 -13.19 -35.52
C MET B 100 -29.69 -12.47 -36.86
N LYS B 101 -29.85 -11.15 -36.80
CA LYS B 101 -29.82 -10.42 -38.07
C LYS B 101 -28.40 -10.12 -38.54
N TYR B 102 -27.39 -10.32 -37.70
CA TYR B 102 -26.02 -9.96 -38.03
C TYR B 102 -25.06 -11.09 -37.72
N ASP B 103 -23.88 -11.00 -38.35
CA ASP B 103 -22.84 -12.00 -38.15
C ASP B 103 -22.39 -12.06 -36.70
N TYR B 104 -22.50 -10.94 -35.98
CA TYR B 104 -21.97 -10.88 -34.63
C TYR B 104 -22.85 -10.00 -33.75
N ASP B 105 -22.95 -10.38 -32.47
CA ASP B 105 -23.54 -9.49 -31.48
C ASP B 105 -22.69 -8.25 -31.27
N MET B 106 -21.37 -8.41 -31.29
CA MET B 106 -20.52 -7.29 -30.97
C MET B 106 -19.25 -7.44 -31.79
N VAL B 107 -18.81 -6.33 -32.38
CA VAL B 107 -17.50 -6.22 -32.99
C VAL B 107 -16.74 -5.12 -32.28
N ILE B 108 -15.51 -5.44 -31.87
CA ILE B 108 -14.63 -4.54 -31.14
C ILE B 108 -13.44 -4.19 -32.03
N ILE B 109 -13.29 -2.91 -32.34
CA ILE B 109 -12.11 -2.46 -33.07
C ILE B 109 -11.04 -2.15 -32.04
N GLY B 110 -10.09 -3.08 -31.85
CA GLY B 110 -8.95 -2.90 -30.97
C GLY B 110 -8.73 -3.96 -29.88
N GLY B 111 -7.56 -4.58 -29.89
CA GLY B 111 -7.27 -5.67 -28.96
C GLY B 111 -6.29 -5.31 -27.87
N GLY B 112 -6.48 -4.13 -27.26
CA GLY B 112 -5.65 -3.68 -26.16
C GLY B 112 -6.19 -4.13 -24.83
N SER B 113 -5.71 -3.48 -23.76
CA SER B 113 -6.27 -3.74 -22.44
C SER B 113 -7.79 -3.69 -22.47
N GLY B 114 -8.37 -2.62 -23.02
CA GLY B 114 -9.80 -2.47 -22.88
C GLY B 114 -10.57 -3.43 -23.77
N GLY B 115 -10.19 -3.49 -25.04
CA GLY B 115 -10.87 -4.40 -25.95
C GLY B 115 -10.86 -5.84 -25.47
N LEU B 116 -9.66 -6.36 -25.14
CA LEU B 116 -9.53 -7.76 -24.72
C LEU B 116 -10.40 -8.05 -23.51
N ALA B 117 -10.37 -7.16 -22.51
CA ALA B 117 -11.21 -7.35 -21.33
C ALA B 117 -12.69 -7.29 -21.68
N LEU B 118 -13.07 -6.33 -22.53
CA LEU B 118 -14.46 -6.20 -22.94
C LEU B 118 -14.94 -7.44 -23.67
N ALA B 119 -14.09 -8.04 -24.50
CA ALA B 119 -14.49 -9.22 -25.26
C ALA B 119 -14.77 -10.40 -24.35
N LYS B 120 -13.82 -10.72 -23.45
CA LYS B 120 -13.91 -11.93 -22.61
C LYS B 120 -15.16 -11.92 -21.73
N GLU B 121 -15.43 -10.79 -21.08
CA GLU B 121 -16.61 -10.73 -20.21
C GLU B 121 -17.91 -10.75 -20.99
N SER B 122 -17.91 -10.25 -22.22
CA SER B 122 -19.10 -10.36 -23.05
C SER B 122 -19.37 -11.81 -23.42
N ALA B 123 -18.35 -12.53 -23.88
CA ALA B 123 -18.57 -13.90 -24.32
C ALA B 123 -19.07 -14.77 -23.17
N LYS B 124 -18.58 -14.51 -21.97
CA LYS B 124 -18.95 -15.28 -20.80
C LYS B 124 -20.42 -15.08 -20.43
N SER B 125 -21.06 -14.03 -20.95
CA SER B 125 -22.47 -13.75 -20.72
C SER B 125 -23.27 -13.76 -22.02
N GLY B 126 -22.86 -14.58 -23.00
CA GLY B 126 -23.72 -15.02 -24.08
C GLY B 126 -23.51 -14.42 -25.46
N ALA B 127 -22.59 -13.49 -25.64
CA ALA B 127 -22.49 -12.73 -26.88
C ALA B 127 -21.60 -13.41 -27.93
N LYS B 128 -22.03 -13.33 -29.20
CA LYS B 128 -21.19 -13.73 -30.33
C LYS B 128 -20.28 -12.55 -30.69
N VAL B 129 -18.99 -12.67 -30.41
CA VAL B 129 -18.08 -11.54 -30.41
C VAL B 129 -16.97 -11.74 -31.41
N ALA B 130 -16.72 -10.71 -32.21
CA ALA B 130 -15.54 -10.61 -33.07
C ALA B 130 -14.63 -9.54 -32.49
N LEU B 131 -13.36 -9.85 -32.33
CA LEU B 131 -12.37 -8.88 -31.86
C LEU B 131 -11.32 -8.67 -32.94
N LEU B 132 -11.26 -7.44 -33.45
CA LEU B 132 -10.28 -7.02 -34.46
C LEU B 132 -9.11 -6.32 -33.78
N ASP B 133 -7.90 -6.71 -34.13
CA ASP B 133 -6.72 -5.97 -33.72
C ASP B 133 -5.64 -6.11 -34.77
N PHE B 134 -5.10 -4.99 -35.23
CA PHE B 134 -4.02 -5.03 -36.20
C PHE B 134 -3.08 -3.88 -35.88
N VAL B 135 -1.78 -4.12 -35.92
CA VAL B 135 -0.80 -3.17 -35.43
C VAL B 135 -0.07 -2.57 -36.63
N VAL B 136 -0.48 -1.38 -37.04
CA VAL B 136 0.27 -0.69 -38.11
C VAL B 136 1.65 -0.32 -37.57
N PRO B 137 2.75 -0.64 -38.27
CA PRO B 137 4.07 -0.47 -37.69
C PRO B 137 4.50 0.99 -37.62
N THR B 138 5.41 1.26 -36.70
CA THR B 138 6.23 2.45 -36.55
C THR B 138 6.85 2.84 -37.88
N PRO B 139 7.25 4.06 -38.04
CA PRO B 139 8.19 4.41 -39.11
C PRO B 139 9.33 3.40 -39.25
N MET B 140 9.94 2.97 -38.14
CA MET B 140 11.04 2.02 -38.24
C MET B 140 10.60 0.60 -38.58
N GLY B 141 9.31 0.32 -38.70
CA GLY B 141 8.80 -0.97 -39.15
C GLY B 141 8.45 -1.97 -38.05
N THR B 142 8.58 -1.60 -36.78
CA THR B 142 8.40 -2.49 -35.63
C THR B 142 6.93 -2.78 -35.39
N THR B 143 6.61 -4.02 -35.09
CA THR B 143 5.25 -4.40 -34.71
C THR B 143 5.30 -5.32 -33.50
N TRP B 144 4.12 -5.73 -33.07
CA TRP B 144 4.00 -6.58 -31.89
C TRP B 144 2.67 -7.32 -32.01
N GLY B 145 2.43 -8.21 -31.05
CA GLY B 145 1.27 -9.09 -31.06
C GLY B 145 0.04 -8.59 -30.32
N LEU B 146 -0.86 -9.53 -30.06
CA LEU B 146 -2.09 -9.24 -29.34
C LEU B 146 -1.76 -8.70 -27.95
N GLY B 147 -2.55 -7.75 -27.49
CA GLY B 147 -2.37 -7.27 -26.14
C GLY B 147 -2.53 -5.77 -26.00
N GLY B 148 -2.26 -5.03 -27.08
CA GLY B 148 -2.37 -3.59 -27.05
C GLY B 148 -1.15 -2.90 -26.51
N THR B 149 -1.30 -1.60 -26.28
CA THR B 149 -0.20 -0.74 -25.86
C THR B 149 0.49 -1.25 -24.61
N CYS B 150 -0.30 -1.61 -23.59
N CYS B 150 -0.31 -1.46 -23.56
CA CYS B 150 0.27 -1.94 -22.29
CA CYS B 150 0.09 -2.01 -22.28
C CYS B 150 1.14 -3.19 -22.37
C CYS B 150 1.08 -3.17 -22.37
N VAL B 151 0.64 -4.25 -23.00
CA VAL B 151 1.39 -5.49 -23.04
C VAL B 151 2.69 -5.34 -23.81
N ASN B 152 2.67 -4.61 -24.94
CA ASN B 152 3.75 -4.68 -25.91
C ASN B 152 4.73 -3.51 -25.83
N VAL B 153 4.26 -2.32 -25.51
CA VAL B 153 5.05 -1.11 -25.67
C VAL B 153 4.72 -0.13 -24.55
N GLY B 154 4.24 -0.64 -23.42
CA GLY B 154 3.76 0.20 -22.35
C GLY B 154 4.12 -0.27 -20.95
N CYS B 155 3.09 -0.41 -20.11
CA CYS B 155 3.29 -0.70 -18.69
C CYS B 155 4.23 -1.88 -18.48
N ILE B 156 3.94 -3.01 -19.12
CA ILE B 156 4.72 -4.23 -18.91
C ILE B 156 6.21 -4.09 -19.26
N PRO B 157 6.62 -3.69 -20.48
CA PRO B 157 8.07 -3.52 -20.70
C PRO B 157 8.64 -2.31 -19.99
N LYS B 158 7.87 -1.22 -19.87
CA LYS B 158 8.33 -0.08 -19.09
C LYS B 158 8.75 -0.53 -17.70
N LYS B 159 7.85 -1.18 -16.97
CA LYS B 159 8.16 -1.51 -15.58
C LYS B 159 9.30 -2.51 -15.47
N LEU B 160 9.40 -3.45 -16.41
CA LEU B 160 10.52 -4.40 -16.41
C LEU B 160 11.87 -3.69 -16.58
N MET B 161 11.93 -2.68 -17.44
CA MET B 161 13.18 -1.92 -17.57
C MET B 161 13.41 -1.09 -16.32
N HIS B 162 12.34 -0.52 -15.77
CA HIS B 162 12.42 0.15 -14.49
C HIS B 162 12.99 -0.77 -13.43
N GLN B 163 12.60 -2.05 -13.44
CA GLN B 163 13.12 -2.92 -12.41
C GLN B 163 14.58 -3.28 -12.67
N ALA B 164 15.02 -3.27 -13.94
CA ALA B 164 16.44 -3.38 -14.22
C ALA B 164 17.19 -2.14 -13.75
N ALA B 165 16.56 -0.98 -13.82
CA ALA B 165 17.23 0.20 -13.29
C ALA B 165 17.33 0.15 -11.77
N LEU B 166 16.24 -0.21 -11.08
CA LEU B 166 16.28 -0.23 -9.61
C LEU B 166 17.34 -1.18 -9.12
N LEU B 167 17.46 -2.36 -9.75
CA LEU B 167 18.38 -3.35 -9.23
C LEU B 167 19.82 -2.88 -9.28
N ASN B 168 20.15 -1.94 -10.17
CA ASN B 168 21.50 -1.40 -10.14
C ASN B 168 21.76 -0.68 -8.83
N HIS B 169 20.79 0.15 -8.39
CA HIS B 169 20.94 0.87 -7.13
C HIS B 169 20.79 -0.05 -5.93
N TYR B 170 19.83 -0.98 -5.99
CA TYR B 170 19.74 -1.99 -4.94
C TYR B 170 21.08 -2.70 -4.76
N MET B 171 21.88 -2.80 -5.83
CA MET B 171 23.16 -3.51 -5.71
C MET B 171 24.25 -2.67 -5.05
N GLU B 172 24.22 -1.34 -5.11
CA GLU B 172 25.19 -0.66 -4.26
C GLU B 172 24.74 -0.62 -2.83
N ASP B 173 23.43 -0.43 -2.60
CA ASP B 173 22.87 -0.59 -1.28
C ASP B 173 23.40 -1.85 -0.62
N ALA B 174 23.53 -2.94 -1.39
CA ALA B 174 23.89 -4.22 -0.81
C ALA B 174 25.33 -4.27 -0.27
N LYS B 175 26.24 -3.41 -0.74
CA LYS B 175 27.58 -3.43 -0.14
C LYS B 175 27.55 -2.91 1.30
N SER B 176 26.75 -1.87 1.54
CA SER B 176 26.57 -1.39 2.91
C SER B 176 25.95 -2.47 3.80
N PHE B 177 25.22 -3.41 3.23
CA PHE B 177 24.61 -4.45 4.05
C PHE B 177 25.50 -5.66 4.21
N GLY B 178 26.76 -5.57 3.77
CA GLY B 178 27.74 -6.62 4.02
C GLY B 178 28.13 -7.45 2.83
N TRP B 179 27.45 -7.33 1.70
CA TRP B 179 27.78 -8.15 0.55
C TRP B 179 28.95 -7.52 -0.20
N ASP B 180 29.98 -8.33 -0.45
CA ASP B 180 31.00 -8.03 -1.45
C ASP B 180 30.36 -8.38 -2.77
N VAL B 181 30.01 -7.40 -3.57
CA VAL B 181 29.16 -7.82 -4.62
C VAL B 181 30.14 -8.31 -5.78
N ASP B 182 30.73 -7.59 -6.72
CA ASP B 182 30.20 -6.38 -7.30
C ASP B 182 29.97 -6.56 -8.79
N LYS B 183 28.71 -6.22 -9.11
CA LYS B 183 28.17 -5.73 -10.37
C LYS B 183 29.16 -5.49 -11.50
N GLY B 184 28.91 -6.17 -12.61
CA GLY B 184 29.66 -5.95 -13.82
C GLY B 184 28.76 -5.14 -14.73
N PRO B 185 29.03 -5.20 -16.03
CA PRO B 185 28.30 -4.37 -16.98
C PRO B 185 26.93 -4.95 -17.32
N HIS B 186 26.09 -4.08 -17.88
CA HIS B 186 24.74 -4.45 -18.25
C HIS B 186 24.64 -4.74 -19.74
N ASP B 187 24.10 -5.91 -20.06
CA ASP B 187 23.93 -6.35 -21.45
C ASP B 187 22.51 -6.00 -21.89
N TRP B 188 22.39 -4.99 -22.75
CA TRP B 188 21.06 -4.57 -23.22
C TRP B 188 20.35 -5.69 -23.95
N VAL B 189 21.07 -6.44 -24.76
CA VAL B 189 20.42 -7.42 -25.61
C VAL B 189 19.85 -8.54 -24.76
N LYS B 190 20.57 -8.96 -23.73
CA LYS B 190 20.02 -10.02 -22.89
C LYS B 190 18.78 -9.55 -22.14
N MET B 191 18.74 -8.26 -21.77
CA MET B 191 17.59 -7.78 -21.03
C MET B 191 16.36 -7.70 -21.90
N VAL B 192 16.47 -7.13 -23.11
CA VAL B 192 15.23 -7.03 -23.88
C VAL B 192 14.84 -8.39 -24.40
N GLU B 193 15.77 -9.35 -24.40
CA GLU B 193 15.47 -10.66 -24.94
C GLU B 193 14.61 -11.37 -23.90
N GLY B 194 15.03 -11.25 -22.62
CA GLY B 194 14.19 -11.67 -21.52
C GLY B 194 12.84 -10.95 -21.45
N ILE B 195 12.83 -9.65 -21.74
CA ILE B 195 11.59 -8.87 -21.68
C ILE B 195 10.62 -9.31 -22.78
N GLN B 196 11.09 -9.34 -24.03
CA GLN B 196 10.21 -9.76 -25.13
C GLN B 196 9.73 -11.20 -24.96
N ASP B 197 10.46 -12.02 -24.21
CA ASP B 197 9.98 -13.37 -24.02
C ASP B 197 8.75 -13.37 -23.12
N HIS B 198 8.75 -12.52 -22.09
CA HIS B 198 7.52 -12.37 -21.33
C HIS B 198 6.42 -11.71 -22.18
N ILE B 199 6.75 -10.66 -22.92
CA ILE B 199 5.75 -10.08 -23.80
C ILE B 199 5.12 -11.17 -24.66
N HIS B 200 5.95 -11.96 -25.36
CA HIS B 200 5.42 -13.04 -26.20
C HIS B 200 4.53 -13.99 -25.40
N ALA B 201 4.91 -14.27 -24.15
CA ALA B 201 4.09 -15.14 -23.30
C ALA B 201 2.70 -14.55 -23.06
N LEU B 202 2.57 -13.20 -23.05
CA LEU B 202 1.26 -12.58 -22.93
C LEU B 202 0.52 -12.51 -24.26
N ASN B 203 1.24 -12.25 -25.37
CA ASN B 203 0.63 -12.37 -26.70
C ASN B 203 -0.09 -13.71 -26.82
N PHE B 204 0.63 -14.79 -26.55
CA PHE B 204 0.04 -16.11 -26.59
C PHE B 204 -1.12 -16.22 -25.61
N GLY B 205 -0.93 -15.71 -24.40
CA GLY B 205 -1.98 -15.82 -23.38
C GLY B 205 -3.28 -15.14 -23.78
N TYR B 206 -3.19 -13.92 -24.33
CA TYR B 206 -4.42 -13.24 -24.71
C TYR B 206 -5.07 -13.92 -25.90
N ARG B 207 -4.29 -14.48 -26.84
CA ARG B 207 -4.94 -15.17 -27.96
C ARG B 207 -5.58 -16.49 -27.48
N SER B 208 -4.94 -17.20 -26.53
CA SER B 208 -5.57 -18.42 -26.00
C SER B 208 -6.85 -18.04 -25.29
N SER B 209 -6.78 -16.99 -24.47
CA SER B 209 -7.93 -16.58 -23.69
C SER B 209 -9.07 -16.18 -24.61
N MET B 210 -8.76 -15.55 -25.75
CA MET B 210 -9.84 -15.27 -26.70
C MET B 210 -10.38 -16.55 -27.34
N MET B 211 -9.54 -17.56 -27.55
CA MET B 211 -10.09 -18.74 -28.19
C MET B 211 -10.88 -19.58 -27.18
N ASN B 212 -10.39 -19.67 -25.94
CA ASN B 212 -11.15 -20.40 -24.93
C ASN B 212 -12.48 -19.72 -24.60
N ALA B 213 -12.63 -18.42 -24.87
CA ALA B 213 -13.88 -17.70 -24.63
C ALA B 213 -14.80 -17.66 -25.85
N ASN B 214 -14.34 -18.20 -26.99
CA ASN B 214 -15.06 -18.24 -28.27
C ASN B 214 -15.31 -16.85 -28.81
N VAL B 215 -14.32 -16.01 -28.69
CA VAL B 215 -14.30 -14.80 -29.48
C VAL B 215 -13.51 -15.10 -30.73
N LYS B 216 -14.05 -14.67 -31.86
CA LYS B 216 -13.30 -14.74 -33.10
C LYS B 216 -12.38 -13.54 -33.11
N TYR B 217 -11.10 -13.79 -32.88
CA TYR B 217 -10.09 -12.79 -33.10
C TYR B 217 -9.71 -12.75 -34.58
N LEU B 218 -9.83 -11.58 -35.18
CA LEU B 218 -9.41 -11.32 -36.56
C LEU B 218 -8.28 -10.30 -36.51
N ASN B 219 -7.08 -10.70 -36.94
CA ASN B 219 -5.94 -9.80 -36.94
C ASN B 219 -6.06 -8.95 -38.20
N ALA B 220 -6.87 -7.91 -38.11
CA ALA B 220 -7.27 -7.10 -39.25
C ALA B 220 -7.66 -5.72 -38.74
N LEU B 221 -7.69 -4.74 -39.65
CA LEU B 221 -8.10 -3.37 -39.29
C LEU B 221 -9.57 -3.13 -39.55
N GLY B 222 -10.19 -2.36 -38.65
CA GLY B 222 -11.62 -2.13 -38.68
C GLY B 222 -11.92 -0.70 -39.10
N GLU B 223 -12.98 -0.56 -39.87
CA GLU B 223 -13.46 0.73 -40.33
C GLU B 223 -14.98 0.64 -40.35
N ILE B 224 -15.65 1.68 -39.92
CA ILE B 224 -17.10 1.68 -39.89
C ILE B 224 -17.61 2.22 -41.20
N VAL B 225 -18.71 1.64 -41.68
CA VAL B 225 -19.33 2.05 -42.94
C VAL B 225 -20.75 2.56 -42.71
N ASP B 226 -21.53 1.86 -41.88
CA ASP B 226 -22.89 2.16 -41.44
C ASP B 226 -22.89 1.74 -39.97
N PRO B 227 -23.94 2.03 -39.18
CA PRO B 227 -23.92 1.57 -37.78
C PRO B 227 -23.75 0.06 -37.65
N HIS B 228 -24.09 -0.73 -38.67
CA HIS B 228 -24.19 -2.16 -38.44
C HIS B 228 -23.19 -3.02 -39.21
N THR B 229 -22.23 -2.43 -39.92
CA THR B 229 -21.25 -3.28 -40.57
C THR B 229 -19.88 -2.60 -40.50
N ILE B 230 -18.84 -3.43 -40.47
CA ILE B 230 -17.48 -3.00 -40.26
C ILE B 230 -16.67 -3.56 -41.42
N LYS B 231 -15.85 -2.74 -42.06
CA LYS B 231 -14.99 -3.30 -43.10
C LYS B 231 -13.64 -3.71 -42.52
N THR B 232 -13.19 -4.95 -42.87
CA THR B 232 -12.01 -5.62 -42.33
C THR B 232 -11.05 -5.91 -43.48
N THR B 233 -9.84 -5.36 -43.38
CA THR B 233 -8.75 -5.66 -44.30
C THR B 233 -7.65 -6.32 -43.48
N ASN B 234 -7.20 -7.48 -43.92
CA ASN B 234 -6.27 -8.26 -43.14
C ASN B 234 -4.85 -8.02 -43.65
N LYS B 235 -3.94 -8.95 -43.35
CA LYS B 235 -2.56 -8.82 -43.79
C LYS B 235 -2.46 -8.55 -45.29
N GLN B 236 -3.20 -9.33 -46.07
CA GLN B 236 -3.13 -9.25 -47.53
C GLN B 236 -3.55 -7.87 -48.07
N GLY B 237 -4.64 -7.34 -47.57
CA GLY B 237 -5.44 -6.41 -48.34
C GLY B 237 -6.83 -6.90 -48.67
N ILE B 238 -7.19 -8.18 -48.38
CA ILE B 238 -8.55 -8.63 -48.70
C ILE B 238 -9.49 -7.97 -47.72
N VAL B 239 -10.50 -7.34 -48.23
CA VAL B 239 -11.55 -6.74 -47.43
C VAL B 239 -12.67 -7.78 -47.31
N LYS B 240 -13.33 -7.78 -46.17
CA LYS B 240 -14.54 -8.56 -45.97
C LYS B 240 -15.42 -7.72 -45.05
N ASN B 241 -16.70 -7.72 -45.30
CA ASN B 241 -17.54 -7.04 -44.33
C ASN B 241 -18.06 -8.04 -43.33
N ILE B 242 -18.33 -7.54 -42.15
CA ILE B 242 -19.05 -8.28 -41.16
C ILE B 242 -20.11 -7.36 -40.61
N THR B 243 -21.25 -7.93 -40.24
CA THR B 243 -22.38 -7.19 -39.71
C THR B 243 -22.47 -7.39 -38.20
N THR B 244 -22.98 -6.38 -37.49
CA THR B 244 -22.98 -6.42 -36.03
C THR B 244 -24.12 -5.58 -35.47
N ASN B 245 -24.66 -6.03 -34.33
CA ASN B 245 -25.69 -5.27 -33.61
C ASN B 245 -25.09 -4.10 -32.82
N THR B 246 -23.88 -4.27 -32.29
CA THR B 246 -23.26 -3.26 -31.43
C THR B 246 -21.80 -3.13 -31.86
N ILE B 247 -21.30 -1.89 -31.98
CA ILE B 247 -19.91 -1.64 -32.28
C ILE B 247 -19.25 -0.95 -31.09
N ILE B 248 -18.02 -1.38 -30.78
CA ILE B 248 -17.18 -0.75 -29.77
C ILE B 248 -15.86 -0.28 -30.41
N VAL B 249 -15.55 1.00 -30.23
CA VAL B 249 -14.24 1.53 -30.61
C VAL B 249 -13.32 1.48 -29.39
N ALA B 250 -12.19 0.80 -29.56
CA ALA B 250 -11.24 0.58 -28.49
C ALA B 250 -9.84 0.61 -29.08
N THR B 251 -9.59 1.61 -29.92
CA THR B 251 -8.43 1.63 -30.78
C THR B 251 -7.23 2.32 -30.16
N GLY B 252 -7.37 2.80 -28.92
CA GLY B 252 -6.28 3.38 -28.16
C GLY B 252 -5.70 4.60 -28.85
N GLU B 253 -4.44 4.87 -28.55
CA GLU B 253 -3.68 5.96 -29.12
C GLU B 253 -2.37 5.37 -29.60
N ARG B 254 -1.58 6.21 -30.27
CA ARG B 254 -0.22 5.86 -30.66
C ARG B 254 0.59 7.14 -30.60
N PRO B 255 1.92 7.07 -30.46
CA PRO B 255 2.69 8.27 -30.16
C PRO B 255 2.73 9.27 -31.32
N ARG B 256 2.81 10.54 -30.96
CA ARG B 256 2.91 11.65 -31.89
C ARG B 256 4.37 12.01 -32.09
N TYR B 257 4.72 12.29 -33.31
CA TYR B 257 5.96 12.92 -33.72
C TYR B 257 5.74 14.40 -33.93
N PRO B 258 6.67 15.28 -33.53
CA PRO B 258 6.52 16.70 -33.85
C PRO B 258 6.67 16.95 -35.33
N PRO B 259 5.99 17.96 -35.86
CA PRO B 259 6.15 18.30 -37.29
C PRO B 259 7.47 18.99 -37.61
N ILE B 260 8.58 18.24 -37.70
CA ILE B 260 9.91 18.82 -37.96
C ILE B 260 10.70 17.88 -38.86
N PRO B 261 11.63 18.47 -39.69
CA PRO B 261 12.61 17.68 -40.47
C PRO B 261 13.31 16.57 -39.70
N GLY B 262 13.17 15.33 -40.18
CA GLY B 262 13.93 14.22 -39.65
C GLY B 262 13.29 13.51 -38.48
N ALA B 263 12.11 13.96 -38.05
CA ALA B 263 11.46 13.40 -36.86
C ALA B 263 11.12 11.94 -37.07
N LYS B 264 10.27 11.65 -38.05
CA LYS B 264 9.89 10.26 -38.27
C LYS B 264 11.07 9.46 -38.82
N GLU B 265 11.97 10.13 -39.54
CA GLU B 265 13.02 9.41 -40.25
C GLU B 265 14.04 8.79 -39.30
N TYR B 266 14.50 9.53 -38.31
CA TYR B 266 15.64 9.10 -37.51
C TYR B 266 15.38 8.94 -36.02
N GLY B 267 14.26 9.44 -35.53
CA GLY B 267 13.93 9.27 -34.13
C GLY B 267 13.16 8.00 -33.91
N ILE B 268 12.92 7.72 -32.63
CA ILE B 268 12.15 6.58 -32.19
C ILE B 268 11.11 7.08 -31.19
N THR B 269 10.17 6.20 -30.87
CA THR B 269 9.18 6.47 -29.84
C THR B 269 9.21 5.33 -28.84
N SER B 270 8.36 5.43 -27.81
CA SER B 270 8.19 4.33 -26.87
C SER B 270 7.84 3.04 -27.59
N ASP B 271 7.16 3.14 -28.75
CA ASP B 271 6.82 1.94 -29.51
C ASP B 271 8.05 1.16 -29.95
N ASP B 272 9.16 1.86 -30.16
CA ASP B 272 10.39 1.20 -30.60
C ASP B 272 11.30 0.82 -29.45
N LEU B 273 11.27 1.56 -28.35
CA LEU B 273 12.36 1.49 -27.39
C LEU B 273 12.42 0.11 -26.71
N PHE B 274 11.27 -0.49 -26.47
CA PHE B 274 11.24 -1.75 -25.74
C PHE B 274 11.60 -2.94 -26.62
N THR B 275 12.06 -2.69 -27.84
CA THR B 275 12.43 -3.77 -28.74
C THR B 275 13.76 -3.53 -29.44
N LEU B 276 14.55 -2.54 -29.00
CA LEU B 276 15.76 -2.13 -29.72
C LEU B 276 16.81 -3.24 -29.77
N ASP B 277 17.46 -3.35 -30.94
CA ASP B 277 18.56 -4.30 -31.14
C ASP B 277 19.76 -4.02 -30.25
N HIS B 278 19.95 -2.76 -29.85
CA HIS B 278 21.24 -2.29 -29.34
C HIS B 278 21.04 -1.50 -28.04
N ASN B 279 22.10 -1.37 -27.26
CA ASN B 279 22.08 -0.38 -26.18
C ASN B 279 21.91 1.01 -26.80
N PRO B 280 21.00 1.83 -26.28
CA PRO B 280 20.71 3.12 -26.92
C PRO B 280 21.88 4.10 -26.91
N GLY B 281 22.92 3.89 -26.10
CA GLY B 281 24.03 4.80 -26.10
C GLY B 281 23.68 6.14 -25.46
N LYS B 282 24.18 7.22 -26.06
CA LYS B 282 23.93 8.56 -25.58
C LYS B 282 22.63 9.05 -26.23
N THR B 283 21.63 9.34 -25.37
CA THR B 283 20.23 9.46 -25.76
C THR B 283 19.68 10.85 -25.48
N LEU B 284 18.75 11.29 -26.35
CA LEU B 284 17.92 12.46 -26.11
C LEU B 284 16.45 12.07 -26.07
N CYS B 285 15.77 12.41 -24.97
CA CYS B 285 14.32 12.42 -24.91
C CYS B 285 13.81 13.86 -25.03
N VAL B 286 12.76 14.07 -25.82
CA VAL B 286 12.11 15.36 -25.90
C VAL B 286 10.71 15.20 -25.34
N GLY B 287 10.28 16.16 -24.54
CA GLY B 287 8.98 16.12 -23.92
C GLY B 287 9.09 15.85 -22.43
N ALA B 288 8.03 16.17 -21.71
CA ALA B 288 8.10 15.91 -20.27
C ALA B 288 6.84 15.20 -19.76
N SER B 289 6.31 14.25 -20.52
CA SER B 289 5.22 13.46 -20.01
C SER B 289 5.77 12.40 -19.06
N TYR B 290 4.87 11.66 -18.41
CA TYR B 290 5.38 10.58 -17.58
C TYR B 290 6.18 9.60 -18.40
N VAL B 291 5.79 9.42 -19.67
CA VAL B 291 6.48 8.48 -20.53
C VAL B 291 7.91 8.93 -20.80
N SER B 292 8.12 10.23 -20.99
CA SER B 292 9.47 10.72 -21.22
C SER B 292 10.37 10.55 -20.00
N LEU B 293 9.85 10.86 -18.82
CA LEU B 293 10.70 10.85 -17.63
C LEU B 293 10.99 9.45 -17.15
N GLU B 294 10.00 8.53 -17.19
CA GLU B 294 10.27 7.16 -16.77
C GLU B 294 11.35 6.53 -17.64
N CYS B 295 11.25 6.74 -18.96
CA CYS B 295 12.22 6.21 -19.92
C CYS B 295 13.59 6.82 -19.69
N ALA B 296 13.62 8.15 -19.60
CA ALA B 296 14.86 8.83 -19.24
C ALA B 296 15.44 8.23 -17.96
N GLY B 297 14.57 7.90 -17.01
CA GLY B 297 15.05 7.43 -15.73
C GLY B 297 15.78 6.10 -15.82
N PHE B 298 15.13 5.08 -16.43
CA PHE B 298 15.75 3.76 -16.39
C PHE B 298 16.93 3.64 -17.34
N LEU B 299 16.88 4.32 -18.49
CA LEU B 299 18.03 4.33 -19.37
C LEU B 299 19.26 4.84 -18.65
N SER B 300 19.09 5.87 -17.82
CA SER B 300 20.22 6.45 -17.10
C SER B 300 20.84 5.48 -16.12
N SER B 301 20.02 4.77 -15.31
CA SER B 301 20.57 3.89 -14.27
C SER B 301 21.26 2.68 -14.86
N ILE B 302 20.75 2.22 -16.00
CA ILE B 302 21.35 1.15 -16.81
C ILE B 302 22.72 1.54 -17.35
N GLY B 303 22.96 2.81 -17.62
CA GLY B 303 24.31 3.21 -17.96
C GLY B 303 24.45 4.29 -19.03
N CYS B 304 23.33 4.81 -19.52
CA CYS B 304 23.33 5.74 -20.64
C CYS B 304 23.50 7.20 -20.22
N ASP B 305 24.16 7.97 -21.09
CA ASP B 305 24.17 9.42 -21.04
C ASP B 305 22.83 9.88 -21.61
N VAL B 306 21.92 10.36 -20.75
CA VAL B 306 20.57 10.74 -21.18
C VAL B 306 20.32 12.22 -20.88
N THR B 307 19.55 12.87 -21.77
CA THR B 307 19.19 14.30 -21.69
C THR B 307 17.72 14.50 -22.07
N VAL B 308 16.99 15.32 -21.31
CA VAL B 308 15.58 15.58 -21.54
C VAL B 308 15.40 17.07 -21.87
N MET B 309 14.54 17.35 -22.84
CA MET B 309 14.39 18.71 -23.36
C MET B 309 12.93 19.13 -23.28
N VAL B 310 12.64 20.10 -22.42
CA VAL B 310 11.28 20.37 -21.99
C VAL B 310 10.82 21.71 -22.57
N ARG B 311 9.76 21.68 -23.38
CA ARG B 311 9.21 22.91 -23.96
C ARG B 311 8.79 23.88 -22.87
N SER B 312 8.27 23.36 -21.76
CA SER B 312 7.86 24.20 -20.64
C SER B 312 8.08 23.53 -19.28
N ILE B 313 7.16 22.65 -18.84
CA ILE B 313 7.20 22.08 -17.50
C ILE B 313 7.18 20.55 -17.49
N PHE B 314 7.58 19.99 -16.34
CA PHE B 314 7.59 18.55 -16.14
C PHE B 314 6.19 18.07 -15.77
N LEU B 315 5.74 16.99 -16.41
CA LEU B 315 4.51 16.29 -16.01
C LEU B 315 3.32 17.25 -15.90
N ARG B 316 3.06 17.97 -17.00
CA ARG B 316 1.92 18.89 -17.03
C ARG B 316 0.65 18.16 -16.61
N GLY B 317 -0.13 18.81 -15.76
CA GLY B 317 -1.33 18.19 -15.25
C GLY B 317 -1.18 17.49 -13.91
N PHE B 318 0.03 17.25 -13.46
CA PHE B 318 0.30 16.73 -12.12
C PHE B 318 0.64 17.87 -11.15
N ASP B 319 0.54 17.56 -9.86
CA ASP B 319 1.03 18.49 -8.84
C ASP B 319 2.48 18.84 -9.12
N GLN B 320 2.79 20.15 -9.14
CA GLN B 320 4.11 20.56 -9.64
C GLN B 320 5.12 20.76 -8.54
N GLN B 321 4.72 20.81 -7.28
CA GLN B 321 5.69 20.55 -6.24
C GLN B 321 6.29 19.17 -6.43
N MET B 322 5.42 18.15 -6.58
CA MET B 322 5.88 16.78 -6.78
C MET B 322 6.70 16.67 -8.06
N ALA B 323 6.19 17.24 -9.15
CA ALA B 323 6.93 17.26 -10.38
C ALA B 323 8.32 17.87 -10.20
N GLY B 324 8.46 18.81 -9.26
CA GLY B 324 9.76 19.37 -8.97
C GLY B 324 10.73 18.37 -8.37
N LEU B 325 10.27 17.62 -7.36
CA LEU B 325 11.12 16.65 -6.69
C LEU B 325 11.37 15.43 -7.55
N ILE B 326 10.43 15.07 -8.43
CA ILE B 326 10.68 14.01 -9.41
C ILE B 326 11.92 14.36 -10.21
N SER B 327 11.93 15.57 -10.80
CA SER B 327 13.02 16.00 -11.69
C SER B 327 14.28 16.31 -10.91
N ASP B 328 14.17 17.15 -9.87
CA ASP B 328 15.31 17.44 -9.00
C ASP B 328 16.07 16.17 -8.61
N TYR B 329 15.35 15.06 -8.45
CA TYR B 329 16.01 13.83 -8.07
C TYR B 329 16.62 13.16 -9.29
N ILE B 330 15.86 13.10 -10.39
CA ILE B 330 16.43 12.58 -11.63
C ILE B 330 17.74 13.31 -11.92
N ALA B 331 17.70 14.66 -11.88
CA ALA B 331 18.84 15.50 -12.23
C ALA B 331 20.04 15.23 -11.32
N LYS B 332 19.79 14.94 -10.07
CA LYS B 332 20.90 14.83 -9.13
C LYS B 332 21.61 13.48 -9.25
N TYR B 333 21.07 12.55 -10.05
CA TYR B 333 21.69 11.24 -10.26
C TYR B 333 21.82 10.95 -11.75
N GLY B 334 22.30 11.93 -12.51
CA GLY B 334 22.89 11.69 -13.81
C GLY B 334 22.14 12.17 -15.03
N VAL B 335 20.83 12.44 -14.93
CA VAL B 335 20.05 12.87 -16.08
C VAL B 335 20.10 14.38 -16.25
N LYS B 336 20.52 14.83 -17.43
CA LYS B 336 20.68 16.25 -17.76
C LYS B 336 19.41 16.85 -18.35
N PHE B 337 19.07 18.07 -17.93
CA PHE B 337 17.89 18.75 -18.42
C PHE B 337 18.28 20.03 -19.15
N VAL B 338 17.76 20.19 -20.37
CA VAL B 338 17.76 21.48 -21.05
C VAL B 338 16.30 21.93 -21.09
N ARG B 339 16.05 23.14 -20.58
CA ARG B 339 14.67 23.58 -20.38
C ARG B 339 14.67 25.06 -19.99
N PRO B 340 13.83 25.88 -20.65
CA PRO B 340 12.89 25.60 -21.74
C PRO B 340 13.58 25.54 -23.11
N CYS B 341 13.14 24.61 -23.96
CA CYS B 341 13.79 24.35 -25.24
C CYS B 341 12.99 23.34 -26.06
N VAL B 342 13.05 23.46 -27.38
CA VAL B 342 12.17 22.72 -28.28
C VAL B 342 12.98 22.27 -29.48
N PRO B 343 12.64 21.10 -30.05
CA PRO B 343 13.34 20.66 -31.27
C PRO B 343 12.97 21.45 -32.52
N THR B 344 13.91 21.45 -33.47
CA THR B 344 13.77 22.12 -34.77
C THR B 344 13.98 21.17 -35.93
N SER B 345 14.96 20.28 -35.80
CA SER B 345 15.39 19.41 -36.89
C SER B 345 16.26 18.30 -36.32
N VAL B 346 16.33 17.18 -37.06
CA VAL B 346 17.27 16.11 -36.78
C VAL B 346 17.83 15.63 -38.10
N ARG B 347 19.14 15.68 -38.25
CA ARG B 347 19.74 15.00 -39.38
C ARG B 347 20.88 14.09 -38.91
N CYS B 348 21.24 13.20 -39.82
CA CYS B 348 22.12 12.06 -39.61
C CYS B 348 23.51 12.36 -40.14
N LEU B 349 24.54 12.01 -39.35
CA LEU B 349 25.93 12.25 -39.75
C LEU B 349 26.67 10.97 -40.06
N GLU B 350 26.46 9.97 -39.23
CA GLU B 350 26.88 8.62 -39.50
C GLU B 350 25.65 7.76 -39.28
N GLU B 351 25.75 6.52 -39.71
CA GLU B 351 24.66 5.61 -39.94
C GLU B 351 25.04 4.43 -39.06
N TYR B 352 24.09 3.64 -38.54
CA TYR B 352 24.49 2.25 -38.22
C TYR B 352 25.81 1.65 -38.73
N ASP B 353 26.47 0.77 -37.99
CA ASP B 353 27.60 0.02 -38.57
C ASP B 353 27.79 -1.31 -37.86
N PRO B 354 27.22 -2.41 -38.43
CA PRO B 354 27.41 -3.87 -38.28
C PRO B 354 28.60 -4.58 -38.89
N GLU B 355 29.29 -5.24 -37.97
CA GLU B 355 28.79 -5.09 -36.60
C GLU B 355 29.80 -4.42 -35.68
N SER B 356 30.65 -3.58 -36.27
CA SER B 356 31.59 -2.75 -35.54
C SER B 356 30.90 -1.87 -34.49
N GLY B 357 29.65 -2.20 -34.16
CA GLY B 357 28.88 -1.47 -33.18
C GLY B 357 28.43 -0.13 -33.70
N LYS B 358 29.42 0.76 -33.94
CA LYS B 358 29.28 2.15 -34.34
C LYS B 358 27.83 2.52 -34.56
N LEU B 359 27.21 3.05 -33.52
CA LEU B 359 25.81 3.36 -33.56
C LEU B 359 25.63 4.61 -34.38
N ALA B 360 24.46 4.77 -34.98
CA ALA B 360 24.20 5.99 -35.72
C ALA B 360 24.44 7.20 -34.84
N ILE B 361 24.99 8.26 -35.44
CA ILE B 361 25.17 9.54 -34.79
C ILE B 361 24.20 10.49 -35.47
N TYR B 362 23.36 11.18 -34.68
CA TYR B 362 22.47 12.20 -35.21
C TYR B 362 22.74 13.52 -34.53
N GLU B 363 22.43 14.61 -35.22
CA GLU B 363 22.62 15.95 -34.67
C GLU B 363 21.27 16.63 -34.59
N VAL B 364 20.93 17.15 -33.42
CA VAL B 364 19.66 17.80 -33.19
C VAL B 364 19.97 19.21 -32.75
N GLU B 365 19.34 20.17 -33.37
CA GLU B 365 19.38 21.52 -32.86
C GLU B 365 17.96 21.99 -32.58
N GLY B 366 17.86 23.08 -31.80
CA GLY B 366 16.59 23.60 -31.34
C GLY B 366 16.72 25.02 -30.86
N LYS B 367 15.61 25.58 -30.36
CA LYS B 367 15.61 26.95 -29.87
C LYS B 367 15.07 26.99 -28.44
N HIS B 368 15.63 27.89 -27.63
CA HIS B 368 15.49 27.93 -26.18
C HIS B 368 14.39 28.87 -25.69
N GLU B 369 13.34 29.11 -26.48
CA GLU B 369 12.30 30.06 -26.11
C GLU B 369 12.86 31.47 -25.98
N ASP B 370 14.04 31.62 -25.35
CA ASP B 370 14.74 32.89 -25.34
C ASP B 370 15.34 33.21 -26.72
N GLY B 371 15.39 32.23 -27.62
CA GLY B 371 15.90 32.41 -28.96
C GLY B 371 17.23 31.73 -29.19
N THR B 372 18.10 31.70 -28.15
CA THR B 372 19.38 30.98 -28.17
C THR B 372 19.16 29.63 -28.80
N PRO B 373 19.92 29.26 -29.81
CA PRO B 373 19.76 27.93 -30.37
C PRO B 373 20.58 26.88 -29.63
N PHE B 374 20.15 25.64 -29.85
CA PHE B 374 20.68 24.41 -29.26
C PHE B 374 21.34 23.63 -30.39
N LYS B 375 22.41 22.91 -30.09
CA LYS B 375 23.01 22.02 -31.10
C LYS B 375 23.84 20.94 -30.42
N ASP B 376 23.50 19.66 -30.66
CA ASP B 376 24.42 18.59 -30.24
C ASP B 376 24.06 17.26 -30.88
N THR B 377 24.92 16.28 -30.61
CA THR B 377 24.97 14.93 -31.20
C THR B 377 24.53 13.87 -30.18
N PHE B 378 23.76 12.87 -30.64
CA PHE B 378 23.31 11.74 -29.83
C PHE B 378 23.26 10.46 -30.69
N ASN B 379 23.21 9.31 -30.03
CA ASN B 379 23.04 8.06 -30.77
C ASN B 379 21.60 7.60 -30.87
N THR B 380 20.73 8.16 -30.03
CA THR B 380 19.31 7.81 -30.04
C THR B 380 18.54 9.09 -29.76
N VAL B 381 17.51 9.38 -30.55
CA VAL B 381 16.57 10.45 -30.22
C VAL B 381 15.20 9.82 -30.00
N LEU B 382 14.64 10.05 -28.83
CA LEU B 382 13.36 9.47 -28.45
C LEU B 382 12.34 10.57 -28.24
N PHE B 383 11.24 10.49 -28.99
CA PHE B 383 10.16 11.46 -28.92
C PHE B 383 9.06 10.97 -27.98
N ALA B 384 8.89 11.65 -26.86
CA ALA B 384 7.84 11.36 -25.90
C ALA B 384 7.14 12.68 -25.62
N VAL B 385 6.43 13.16 -26.64
CA VAL B 385 5.75 14.45 -26.66
C VAL B 385 4.23 14.30 -26.70
N GLY B 386 3.71 13.08 -26.54
CA GLY B 386 2.28 12.91 -26.49
C GLY B 386 1.81 11.69 -27.24
N ARG B 387 0.54 11.37 -27.10
CA ARG B 387 -0.08 10.32 -27.89
C ARG B 387 -1.41 10.82 -28.46
N ASP B 388 -1.71 10.36 -29.68
CA ASP B 388 -2.91 10.80 -30.35
C ASP B 388 -3.86 9.63 -30.57
N PRO B 389 -5.14 9.83 -30.29
CA PRO B 389 -6.11 8.75 -30.42
C PRO B 389 -6.28 8.31 -31.86
N CYS B 390 -6.51 7.00 -32.02
CA CYS B 390 -6.72 6.38 -33.33
C CYS B 390 -8.18 6.52 -33.71
N THR B 391 -8.55 7.74 -34.14
CA THR B 391 -9.89 8.02 -34.62
C THR B 391 -9.91 8.49 -36.08
N THR B 392 -8.75 8.68 -36.71
CA THR B 392 -8.71 8.86 -38.16
C THR B 392 -8.77 7.49 -38.85
N ASN B 393 -9.46 7.43 -39.98
CA ASN B 393 -9.50 6.22 -40.79
C ASN B 393 -10.06 5.02 -40.04
N ILE B 394 -11.05 5.24 -39.16
CA ILE B 394 -11.86 4.12 -38.69
C ILE B 394 -13.33 4.34 -39.03
N GLY B 395 -13.64 5.41 -39.75
CA GLY B 395 -14.97 5.57 -40.27
C GLY B 395 -15.95 6.33 -39.44
N LEU B 396 -15.50 7.13 -38.47
CA LEU B 396 -16.47 7.87 -37.65
C LEU B 396 -17.14 8.96 -38.46
N GLN B 397 -16.49 9.45 -39.52
CA GLN B 397 -17.16 10.35 -40.46
C GLN B 397 -18.35 9.65 -41.11
N ASN B 398 -18.30 8.33 -41.28
CA ASN B 398 -19.36 7.60 -41.98
C ASN B 398 -20.63 7.48 -41.15
N VAL B 399 -20.52 7.37 -39.82
CA VAL B 399 -21.70 7.34 -38.96
C VAL B 399 -21.82 8.57 -38.11
N ASP B 400 -20.81 9.44 -38.11
CA ASP B 400 -20.84 10.74 -37.44
C ASP B 400 -20.85 10.60 -35.92
N VAL B 401 -19.85 9.90 -35.37
CA VAL B 401 -19.66 9.96 -33.92
C VAL B 401 -18.83 11.19 -33.59
N LYS B 402 -19.26 11.94 -32.59
CA LYS B 402 -18.63 13.20 -32.25
C LYS B 402 -17.27 12.96 -31.60
N THR B 403 -16.29 13.78 -31.97
CA THR B 403 -14.99 13.77 -31.31
C THR B 403 -14.61 15.16 -30.85
N THR B 404 -13.79 15.21 -29.80
CA THR B 404 -13.19 16.43 -29.28
C THR B 404 -11.70 16.18 -29.13
N ASN B 405 -10.90 16.96 -29.85
CA ASN B 405 -9.47 16.70 -30.01
C ASN B 405 -9.18 15.23 -30.24
N GLY B 406 -9.90 14.63 -31.20
CA GLY B 406 -9.62 13.27 -31.60
C GLY B 406 -10.20 12.21 -30.69
N ARG B 407 -10.76 12.57 -29.55
CA ARG B 407 -11.26 11.60 -28.60
C ARG B 407 -12.74 11.38 -28.83
N VAL B 408 -13.16 10.12 -28.80
CA VAL B 408 -14.57 9.80 -28.93
C VAL B 408 -15.28 10.25 -27.65
N VAL B 409 -16.24 11.17 -27.79
CA VAL B 409 -16.97 11.67 -26.63
C VAL B 409 -18.04 10.66 -26.26
N VAL B 410 -18.34 10.58 -24.96
CA VAL B 410 -19.03 9.41 -24.46
C VAL B 410 -19.68 9.78 -23.12
N ASP B 411 -20.83 9.15 -22.83
CA ASP B 411 -21.57 9.45 -21.61
C ASP B 411 -21.09 8.61 -20.42
N ASP B 412 -21.92 8.51 -19.38
CA ASP B 412 -21.56 7.77 -18.18
C ASP B 412 -21.66 6.25 -18.37
N GLU B 413 -22.28 5.80 -19.46
CA GLU B 413 -22.31 4.40 -19.84
C GLU B 413 -21.38 4.12 -21.00
N GLU B 414 -20.48 5.08 -21.31
CA GLU B 414 -19.48 4.93 -22.35
C GLU B 414 -20.11 4.75 -23.72
N ARG B 415 -21.31 5.28 -23.91
CA ARG B 415 -21.99 5.26 -25.19
C ARG B 415 -21.74 6.57 -25.93
N THR B 416 -21.69 6.49 -27.26
CA THR B 416 -21.53 7.71 -28.04
C THR B 416 -22.91 8.28 -28.41
N ASN B 417 -22.92 9.22 -29.36
CA ASN B 417 -24.17 9.81 -29.85
C ASN B 417 -24.92 8.88 -30.79
N VAL B 418 -24.32 7.79 -31.20
CA VAL B 418 -25.01 6.71 -31.91
C VAL B 418 -25.28 5.59 -30.92
N PRO B 419 -26.55 5.21 -30.69
CA PRO B 419 -26.89 4.37 -29.53
C PRO B 419 -26.30 2.96 -29.55
N ASN B 420 -25.76 2.47 -30.66
CA ASN B 420 -25.11 1.16 -30.62
C ASN B 420 -23.59 1.26 -30.84
N ILE B 421 -23.03 2.47 -30.74
CA ILE B 421 -21.58 2.67 -30.80
C ILE B 421 -21.10 3.17 -29.44
N TYR B 422 -20.12 2.46 -28.90
CA TYR B 422 -19.51 2.79 -27.62
C TYR B 422 -18.00 2.94 -27.85
N ALA B 423 -17.30 3.52 -26.87
CA ALA B 423 -15.85 3.62 -26.97
C ALA B 423 -15.23 3.56 -25.58
N ILE B 424 -14.17 2.77 -25.44
CA ILE B 424 -13.58 2.54 -24.13
C ILE B 424 -12.06 2.66 -24.22
N GLY B 425 -11.49 2.96 -23.06
CA GLY B 425 -10.06 3.15 -22.97
C GLY B 425 -9.69 4.56 -23.35
N ASP B 426 -8.55 4.70 -24.03
CA ASP B 426 -7.94 6.01 -24.25
C ASP B 426 -8.61 6.80 -25.36
N VAL B 427 -9.39 6.15 -26.25
CA VAL B 427 -10.15 6.90 -27.22
C VAL B 427 -11.33 7.60 -26.56
N SER B 428 -11.71 7.22 -25.35
CA SER B 428 -12.67 7.99 -24.57
C SER B 428 -12.21 9.42 -24.36
N ASN B 429 -13.18 10.30 -24.13
CA ASN B 429 -12.94 11.55 -23.42
C ASN B 429 -13.17 11.37 -21.93
N ALA B 430 -13.30 10.12 -21.47
CA ALA B 430 -13.57 9.77 -20.08
C ALA B 430 -12.32 9.19 -19.44
N GLY B 431 -11.87 9.82 -18.35
CA GLY B 431 -10.87 9.27 -17.48
C GLY B 431 -9.43 9.48 -17.97
N TYR B 432 -8.50 9.09 -17.10
CA TYR B 432 -7.08 9.14 -17.41
C TYR B 432 -6.75 8.01 -18.36
N GLN B 433 -5.60 8.10 -19.03
CA GLN B 433 -5.20 7.07 -19.97
C GLN B 433 -4.47 5.95 -19.22
N LEU B 434 -5.25 5.04 -18.64
CA LEU B 434 -4.68 4.01 -17.78
C LEU B 434 -5.31 2.66 -18.07
N THR B 435 -4.49 1.60 -17.95
CA THR B 435 -4.91 0.28 -18.38
C THR B 435 -5.98 -0.27 -17.46
N PRO B 436 -5.86 -0.15 -16.13
CA PRO B 436 -6.94 -0.61 -15.26
C PRO B 436 -8.26 0.09 -15.49
N LEU B 437 -8.26 1.35 -15.95
CA LEU B 437 -9.51 1.99 -16.36
C LEU B 437 -10.11 1.34 -17.60
N ALA B 438 -9.29 1.14 -18.63
CA ALA B 438 -9.80 0.47 -19.83
C ALA B 438 -10.43 -0.85 -19.45
N ILE B 439 -9.74 -1.62 -18.62
CA ILE B 439 -10.22 -2.94 -18.23
C ILE B 439 -11.50 -2.82 -17.43
N GLN B 440 -11.58 -1.92 -16.44
CA GLN B 440 -12.82 -1.83 -15.67
C GLN B 440 -13.98 -1.32 -16.51
N ALA B 441 -13.74 -0.28 -17.32
CA ALA B 441 -14.79 0.19 -18.22
C ALA B 441 -15.29 -0.91 -19.15
N GLY B 442 -14.36 -1.67 -19.76
CA GLY B 442 -14.77 -2.75 -20.63
C GLY B 442 -15.66 -3.71 -19.89
N LYS B 443 -15.27 -3.97 -18.66
CA LYS B 443 -15.75 -5.11 -17.93
C LYS B 443 -17.18 -4.83 -17.44
N ASN B 444 -17.44 -3.60 -17.01
CA ASN B 444 -18.82 -3.14 -16.72
C ASN B 444 -19.67 -2.96 -17.99
N LEU B 445 -19.10 -2.46 -19.08
CA LEU B 445 -19.88 -2.31 -20.30
C LEU B 445 -20.42 -3.66 -20.76
N ALA B 446 -19.62 -4.70 -20.63
CA ALA B 446 -20.04 -6.04 -21.02
C ALA B 446 -21.33 -6.46 -20.31
N ARG B 447 -21.50 -6.08 -19.06
CA ARG B 447 -22.69 -6.54 -18.35
C ARG B 447 -23.87 -5.62 -18.44
N ARG B 448 -23.68 -4.35 -18.77
CA ARG B 448 -24.85 -3.59 -19.14
C ARG B 448 -25.42 -4.13 -20.45
N LEU B 449 -24.54 -4.53 -21.36
CA LEU B 449 -24.99 -5.01 -22.65
C LEU B 449 -25.64 -6.39 -22.55
N TYR B 450 -25.06 -7.30 -21.76
CA TYR B 450 -25.41 -8.72 -21.82
C TYR B 450 -25.86 -9.35 -20.49
N THR B 451 -25.94 -8.59 -19.40
CA THR B 451 -26.62 -9.07 -18.21
C THR B 451 -27.70 -8.11 -17.77
N ALA B 452 -27.87 -7.00 -18.49
CA ALA B 452 -28.83 -5.95 -18.13
C ALA B 452 -28.53 -5.38 -16.76
N ASP B 453 -27.25 -5.38 -16.38
CA ASP B 453 -26.79 -4.79 -15.14
C ASP B 453 -26.70 -3.27 -15.33
N ASP B 454 -26.70 -2.54 -14.21
CA ASP B 454 -26.65 -1.09 -14.28
C ASP B 454 -25.37 -0.56 -13.63
N CYS B 455 -24.37 -1.41 -13.47
CA CYS B 455 -23.11 -1.00 -12.90
C CYS B 455 -22.37 -0.11 -13.89
N ARG B 456 -21.99 1.08 -13.42
CA ARG B 456 -21.23 2.06 -14.16
C ARG B 456 -19.84 2.17 -13.60
N THR B 457 -18.90 2.57 -14.45
CA THR B 457 -17.51 2.72 -14.06
C THR B 457 -17.33 4.06 -13.34
N ASP B 458 -16.48 4.08 -12.32
CA ASP B 458 -16.23 5.26 -11.52
C ASP B 458 -14.87 5.87 -11.88
N TYR B 459 -14.86 7.12 -12.37
CA TYR B 459 -13.64 7.78 -12.83
C TYR B 459 -13.09 8.78 -11.80
N THR B 460 -13.74 8.87 -10.64
CA THR B 460 -13.27 9.65 -9.50
C THR B 460 -12.21 8.88 -8.72
N ASN B 461 -11.22 9.59 -8.20
CA ASN B 461 -10.27 8.98 -7.28
C ASN B 461 -9.43 7.91 -7.95
N VAL B 462 -9.08 8.09 -9.20
CA VAL B 462 -8.25 7.05 -9.82
C VAL B 462 -6.80 7.26 -9.41
N PRO B 463 -6.15 6.23 -8.84
CA PRO B 463 -4.75 6.37 -8.46
C PRO B 463 -3.85 6.10 -9.63
N THR B 464 -2.79 6.89 -9.72
CA THR B 464 -1.75 6.71 -10.73
C THR B 464 -0.39 6.68 -10.05
N THR B 465 0.59 6.10 -10.73
CA THR B 465 1.95 6.09 -10.26
C THR B 465 2.90 6.26 -11.43
N VAL B 466 3.93 7.06 -11.20
CA VAL B 466 4.97 7.35 -12.17
C VAL B 466 6.22 6.63 -11.73
N PHE B 467 6.71 5.73 -12.58
CA PHE B 467 7.86 4.90 -12.20
C PHE B 467 9.18 5.51 -12.65
N THR B 468 9.39 6.77 -12.26
CA THR B 468 10.69 7.44 -12.33
C THR B 468 11.68 6.82 -11.33
N PRO B 469 12.98 7.10 -11.45
CA PRO B 469 13.96 6.41 -10.58
C PRO B 469 13.56 6.35 -9.13
N LEU B 470 13.01 7.45 -8.58
CA LEU B 470 12.20 7.43 -7.37
C LEU B 470 10.74 7.62 -7.78
N GLU B 471 9.86 6.73 -7.35
CA GLU B 471 8.51 6.66 -7.90
C GLU B 471 7.60 7.71 -7.24
N TYR B 472 6.52 8.06 -7.94
CA TYR B 472 5.57 9.07 -7.46
C TYR B 472 4.15 8.58 -7.67
N GLY B 473 3.40 8.38 -6.59
CA GLY B 473 2.00 7.96 -6.68
C GLY B 473 1.06 9.04 -6.17
N CYS B 474 -0.13 9.11 -6.74
CA CYS B 474 -1.06 10.17 -6.33
C CYS B 474 -2.49 9.76 -6.62
N ILE B 475 -3.40 10.36 -5.86
CA ILE B 475 -4.84 10.12 -5.97
C ILE B 475 -5.52 11.46 -5.86
N GLY B 476 -6.55 11.70 -6.68
CA GLY B 476 -7.33 12.89 -6.45
C GLY B 476 -6.70 14.17 -6.97
N LEU B 477 -6.91 15.27 -6.27
CA LEU B 477 -6.53 16.59 -6.75
C LEU B 477 -5.09 16.90 -6.35
N SER B 478 -4.36 17.54 -7.25
CA SER B 478 -3.10 18.16 -6.87
C SER B 478 -3.38 19.28 -5.87
N GLU B 479 -2.31 19.77 -5.22
CA GLU B 479 -2.47 20.86 -4.25
C GLU B 479 -2.98 22.11 -4.94
N GLU B 480 -2.53 22.34 -6.18
CA GLU B 480 -2.91 23.56 -6.89
C GLU B 480 -4.37 23.54 -7.34
N ASN B 481 -4.94 22.38 -7.67
CA ASN B 481 -6.34 22.39 -8.07
C ASN B 481 -7.30 22.36 -6.89
N ALA B 482 -6.89 21.78 -5.76
CA ALA B 482 -7.76 21.80 -4.60
C ALA B 482 -8.04 23.25 -4.19
N ILE B 483 -7.00 24.10 -4.28
CA ILE B 483 -7.16 25.52 -3.98
C ILE B 483 -8.10 26.18 -5.00
N SER B 484 -8.01 25.82 -6.28
CA SER B 484 -8.94 26.35 -7.27
C SER B 484 -10.36 25.89 -6.98
N LYS B 485 -10.55 24.57 -6.84
CA LYS B 485 -11.88 24.02 -6.62
C LYS B 485 -12.51 24.54 -5.32
N PHE B 486 -11.71 24.67 -4.26
CA PHE B 486 -12.26 24.91 -2.94
C PHE B 486 -11.86 26.23 -2.27
N GLY B 487 -10.82 26.92 -2.77
CA GLY B 487 -10.38 28.16 -2.17
C GLY B 487 -9.34 27.96 -1.07
N GLU B 488 -8.30 28.81 -1.06
CA GLU B 488 -7.15 28.47 -0.24
C GLU B 488 -7.38 28.56 1.28
N ASP B 489 -8.30 29.36 1.79
CA ASP B 489 -8.42 29.15 3.25
C ASP B 489 -9.43 28.06 3.61
N ASN B 490 -9.73 27.16 2.68
CA ASN B 490 -10.43 25.94 3.04
C ASN B 490 -9.55 24.71 2.93
N ILE B 491 -8.34 24.84 2.37
CA ILE B 491 -7.38 23.74 2.24
C ILE B 491 -6.30 23.88 3.30
N GLU B 492 -6.00 22.77 3.97
CA GLU B 492 -4.80 22.61 4.76
C GLU B 492 -3.98 21.49 4.13
N VAL B 493 -2.66 21.61 4.15
CA VAL B 493 -1.78 20.58 3.58
C VAL B 493 -0.88 20.06 4.69
N PHE B 494 -1.07 18.80 5.05
CA PHE B 494 -0.16 18.11 5.95
C PHE B 494 0.95 17.50 5.10
N HIS B 495 2.18 17.56 5.59
CA HIS B 495 3.27 16.96 4.84
C HIS B 495 4.38 16.52 5.79
N SER B 496 5.31 15.72 5.25
CA SER B 496 6.46 15.27 6.00
C SER B 496 7.47 14.64 5.06
N TYR B 497 8.75 14.86 5.32
CA TYR B 497 9.73 13.99 4.68
C TYR B 497 9.81 12.67 5.44
N PHE B 498 10.47 11.69 4.85
CA PHE B 498 10.69 10.45 5.57
C PHE B 498 11.88 9.73 4.93
N GLN B 499 12.43 8.79 5.69
CA GLN B 499 13.66 8.09 5.35
C GLN B 499 13.36 6.60 5.46
N PRO B 500 13.12 5.94 4.34
CA PRO B 500 12.93 4.49 4.38
C PRO B 500 14.04 3.83 5.17
N LEU B 501 13.65 2.90 6.07
CA LEU B 501 14.67 2.26 6.90
C LEU B 501 15.70 1.55 6.03
N GLU B 502 15.29 1.07 4.85
CA GLU B 502 16.24 0.47 3.92
C GLU B 502 17.28 1.46 3.43
N TRP B 503 17.08 2.77 3.61
CA TRP B 503 18.01 3.77 3.12
C TRP B 503 18.98 4.24 4.18
N THR B 504 18.80 3.82 5.43
CA THR B 504 19.64 4.34 6.49
C THR B 504 21.05 3.77 6.42
N VAL B 505 21.17 2.44 6.45
CA VAL B 505 22.49 1.83 6.33
C VAL B 505 23.25 2.27 5.06
N PRO B 506 22.66 2.25 3.86
CA PRO B 506 23.43 2.66 2.67
C PRO B 506 23.71 4.13 2.56
N HIS B 507 23.14 4.95 3.43
CA HIS B 507 23.35 6.39 3.44
C HIS B 507 22.85 7.05 2.16
N ARG B 508 21.67 6.60 1.69
CA ARG B 508 20.99 7.34 0.65
C ARG B 508 20.39 8.60 1.30
N PRO B 509 20.15 9.67 0.52
CA PRO B 509 20.06 11.02 1.12
C PRO B 509 18.72 11.25 1.82
N ASP B 510 18.80 11.61 3.10
CA ASP B 510 17.64 11.94 3.92
C ASP B 510 16.89 13.17 3.36
N ASN B 511 15.67 13.38 3.85
CA ASN B 511 14.76 14.44 3.40
C ASN B 511 14.70 14.55 1.87
N THR B 512 14.49 13.38 1.25
CA THR B 512 14.19 13.24 -0.17
C THR B 512 12.79 12.68 -0.39
N CYS B 513 12.49 11.50 0.15
CA CYS B 513 11.12 10.99 0.07
C CYS B 513 10.18 11.92 0.82
N TYR B 514 8.95 12.03 0.32
CA TYR B 514 8.04 13.10 0.70
C TYR B 514 6.61 12.57 0.67
N ALA B 515 5.81 12.95 1.67
CA ALA B 515 4.41 12.58 1.72
C ALA B 515 3.57 13.81 2.01
N LYS B 516 2.47 14.00 1.29
CA LYS B 516 1.52 15.04 1.70
C LYS B 516 0.07 14.64 1.41
N LEU B 517 -0.82 15.14 2.26
CA LEU B 517 -2.28 14.99 2.14
C LEU B 517 -2.91 16.35 1.95
N ILE B 518 -3.79 16.48 0.97
CA ILE B 518 -4.53 17.72 0.76
C ILE B 518 -5.87 17.60 1.49
N ILE B 519 -6.19 18.57 2.34
CA ILE B 519 -7.35 18.49 3.20
C ILE B 519 -8.28 19.67 2.88
N ASN B 520 -9.56 19.39 2.74
CA ASN B 520 -10.58 20.42 2.57
C ASN B 520 -11.33 20.56 3.89
N LYS B 521 -10.95 21.57 4.69
CA LYS B 521 -11.51 21.73 6.03
C LYS B 521 -13.01 21.99 6.01
N GLN B 522 -13.54 22.52 4.91
CA GLN B 522 -14.94 22.89 4.84
C GLN B 522 -15.85 21.69 4.67
N ASP B 523 -15.32 20.52 4.29
CA ASP B 523 -16.14 19.31 4.23
C ASP B 523 -15.56 18.25 5.18
N ASP B 524 -15.59 18.55 6.47
CA ASP B 524 -15.20 17.64 7.55
C ASP B 524 -13.75 17.15 7.38
N ASN B 525 -12.86 18.05 6.93
CA ASN B 525 -11.44 17.72 6.69
C ASN B 525 -11.28 16.51 5.77
N ARG B 526 -11.98 16.55 4.64
CA ARG B 526 -11.93 15.41 3.75
C ARG B 526 -10.62 15.41 3.01
N VAL B 527 -10.07 14.22 2.80
CA VAL B 527 -8.86 14.03 2.02
C VAL B 527 -9.27 14.13 0.57
N VAL B 528 -8.88 15.22 -0.10
CA VAL B 528 -9.18 15.39 -1.52
C VAL B 528 -7.98 15.13 -2.44
N GLY B 529 -6.78 14.98 -1.88
CA GLY B 529 -5.62 14.62 -2.67
C GLY B 529 -4.58 13.92 -1.82
N PHE B 530 -3.78 13.07 -2.45
CA PHE B 530 -2.86 12.16 -1.77
C PHE B 530 -1.63 12.03 -2.64
N HIS B 531 -0.46 12.35 -2.10
CA HIS B 531 0.79 12.26 -2.88
C HIS B 531 1.93 11.66 -2.07
N VAL B 532 2.64 10.73 -2.66
CA VAL B 532 3.82 10.15 -2.04
C VAL B 532 4.89 10.01 -3.11
N PHE B 533 6.13 10.24 -2.69
CA PHE B 533 7.30 10.24 -3.55
C PHE B 533 8.30 9.37 -2.82
N GLY B 534 8.55 8.17 -3.33
CA GLY B 534 9.39 7.23 -2.61
C GLY B 534 9.41 5.86 -3.24
N PRO B 535 10.13 4.93 -2.64
CA PRO B 535 10.21 3.58 -3.21
C PRO B 535 8.88 2.84 -3.13
N ASN B 536 8.62 1.96 -4.11
CA ASN B 536 7.40 1.15 -4.13
C ASN B 536 6.16 2.03 -4.00
N ALA B 537 6.13 3.16 -4.72
CA ALA B 537 5.04 4.11 -4.55
C ALA B 537 3.71 3.56 -5.06
N GLY B 538 3.71 2.66 -6.05
CA GLY B 538 2.46 2.04 -6.43
C GLY B 538 1.84 1.21 -5.30
N GLU B 539 2.68 0.51 -4.55
CA GLU B 539 2.07 -0.34 -3.54
C GLU B 539 1.66 0.44 -2.32
N VAL B 540 2.37 1.54 -2.02
CA VAL B 540 1.95 2.48 -0.96
C VAL B 540 0.57 3.04 -1.26
N THR B 541 0.38 3.56 -2.47
CA THR B 541 -0.78 4.37 -2.79
C THR B 541 -2.05 3.56 -2.91
N GLN B 542 -1.98 2.36 -3.50
CA GLN B 542 -3.18 1.71 -4.00
C GLN B 542 -4.29 1.63 -2.94
N GLY B 543 -3.96 1.05 -1.78
CA GLY B 543 -4.97 0.86 -0.74
C GLY B 543 -5.72 2.12 -0.37
N TYR B 544 -5.03 3.27 -0.34
CA TYR B 544 -5.69 4.50 0.07
C TYR B 544 -6.74 4.96 -0.93
N ALA B 545 -6.65 4.57 -2.20
CA ALA B 545 -7.71 4.91 -3.13
C ALA B 545 -9.04 4.32 -2.68
N VAL B 546 -9.02 3.14 -2.06
CA VAL B 546 -10.24 2.55 -1.51
C VAL B 546 -10.79 3.43 -0.41
N ALA B 547 -9.88 3.91 0.46
CA ALA B 547 -10.27 4.72 1.60
C ALA B 547 -10.87 6.05 1.15
N MET B 548 -10.47 6.54 -0.02
CA MET B 548 -11.03 7.80 -0.48
C MET B 548 -12.38 7.63 -1.13
N HIS B 549 -12.68 6.46 -1.70
CA HIS B 549 -14.05 6.20 -2.11
C HIS B 549 -14.98 6.19 -0.89
N LEU B 550 -14.51 5.68 0.24
CA LEU B 550 -15.26 5.76 1.48
C LEU B 550 -15.27 7.15 2.15
N GLY B 551 -14.75 8.19 1.51
CA GLY B 551 -14.83 9.50 2.11
C GLY B 551 -13.86 9.75 3.25
N ALA B 552 -12.66 9.18 3.18
CA ALA B 552 -11.69 9.31 4.25
C ALA B 552 -11.41 10.77 4.58
N ARG B 553 -11.34 11.05 5.87
CA ARG B 553 -10.98 12.35 6.41
C ARG B 553 -9.61 12.24 7.07
N LYS B 554 -9.04 13.38 7.43
CA LYS B 554 -7.79 13.35 8.17
C LYS B 554 -7.96 12.57 9.47
N GLU B 555 -9.10 12.74 10.17
CA GLU B 555 -9.41 11.93 11.36
C GLU B 555 -9.09 10.45 11.12
N ASP B 556 -9.43 9.98 9.94
CA ASP B 556 -9.45 8.54 9.71
C ASP B 556 -8.05 8.02 9.47
N PHE B 557 -7.20 8.77 8.76
CA PHE B 557 -5.79 8.42 8.66
C PHE B 557 -5.15 8.39 10.05
N ASP B 558 -5.57 9.31 10.92
CA ASP B 558 -4.93 9.42 12.22
C ASP B 558 -5.35 8.30 13.15
N ARG B 559 -6.59 7.85 13.03
CA ARG B 559 -7.08 6.71 13.82
C ARG B 559 -6.42 5.39 13.39
N THR B 560 -6.00 5.29 12.15
CA THR B 560 -5.32 4.09 11.67
C THR B 560 -3.91 3.93 12.25
N ILE B 561 -3.59 2.69 12.66
CA ILE B 561 -2.28 2.34 13.22
C ILE B 561 -1.29 2.05 12.09
N GLY B 562 -0.08 2.56 12.22
CA GLY B 562 0.92 2.30 11.20
C GLY B 562 1.43 0.86 11.26
N ILE B 563 1.92 0.38 10.13
CA ILE B 563 2.67 -0.87 10.08
C ILE B 563 4.13 -0.48 10.14
N HIS B 564 4.81 -0.93 11.17
CA HIS B 564 6.21 -0.50 11.36
C HIS B 564 7.11 -1.66 11.08
N PRO B 565 8.23 -1.45 10.37
CA PRO B 565 8.76 -0.27 9.69
C PRO B 565 8.40 -0.20 8.20
N THR B 566 7.55 0.73 7.82
CA THR B 566 7.23 0.91 6.41
C THR B 566 7.25 2.38 6.06
N CYS B 567 7.28 2.63 4.76
CA CYS B 567 7.10 3.98 4.25
C CYS B 567 5.66 4.44 4.38
N SER B 568 4.71 3.53 4.15
CA SER B 568 3.30 3.92 4.11
C SER B 568 2.78 4.41 5.45
N GLU B 569 3.38 3.99 6.57
CA GLU B 569 2.91 4.42 7.88
C GLU B 569 3.06 5.92 8.12
N THR B 570 3.86 6.63 7.32
CA THR B 570 4.02 8.04 7.59
C THR B 570 2.73 8.81 7.35
N PHE B 571 1.82 8.26 6.54
CA PHE B 571 0.49 8.86 6.38
C PHE B 571 -0.41 8.66 7.58
N THR B 572 -0.03 7.83 8.55
CA THR B 572 -0.80 7.68 9.79
C THR B 572 -0.40 8.68 10.88
N THR B 573 0.64 9.49 10.68
CA THR B 573 1.11 10.38 11.73
C THR B 573 1.49 11.75 11.19
N LEU B 574 0.91 12.16 10.04
CA LEU B 574 1.25 13.48 9.52
C LEU B 574 0.72 14.54 10.46
N ARG B 575 1.54 15.58 10.65
CA ARG B 575 1.40 16.39 11.85
C ARG B 575 1.57 17.88 11.54
N VAL B 576 2.50 18.24 10.65
CA VAL B 576 2.86 19.64 10.41
C VAL B 576 2.12 20.10 9.16
N THR B 577 1.47 21.25 9.25
CA THR B 577 0.78 21.80 8.10
C THR B 577 1.68 22.80 7.38
N LYS B 578 1.22 23.30 6.23
CA LYS B 578 2.03 24.27 5.53
C LYS B 578 1.75 25.66 6.04
N SER B 579 0.48 25.93 6.37
CA SER B 579 0.11 27.21 6.95
C SER B 579 0.84 27.48 8.26
N SER B 580 1.27 26.43 8.96
CA SER B 580 2.05 26.62 10.17
C SER B 580 3.48 27.04 9.89
N GLY B 581 3.97 26.82 8.66
CA GLY B 581 5.33 27.19 8.28
C GLY B 581 6.44 26.34 8.84
N ALA B 582 6.15 25.41 9.75
CA ALA B 582 7.14 24.51 10.33
C ALA B 582 7.74 23.56 9.29
N SER B 583 8.87 22.94 9.66
CA SER B 583 9.63 22.06 8.76
C SER B 583 9.01 20.67 8.64
N ALA B 584 9.17 20.09 7.46
CA ALA B 584 8.68 18.75 7.19
C ALA B 584 9.80 17.67 7.26
PA FAD C . 9.64 -1.59 25.11
O1A FAD C . 10.27 -2.94 25.23
O2A FAD C . 9.88 -0.98 23.79
O5B FAD C . 10.21 -0.57 26.27
C5B FAD C . 10.39 -1.07 27.58
C4B FAD C . 11.61 -0.33 28.18
O4B FAD C . 11.50 -0.25 29.48
C3B FAD C . 12.84 -1.20 27.90
O3B FAD C . 13.81 -0.36 27.50
C2B FAD C . 13.08 -1.88 29.27
O2B FAD C . 14.52 -2.28 29.40
C1B FAD C . 12.77 -0.97 30.14
N9A FAD C . 12.34 -1.49 31.43
C8A FAD C . 11.80 -2.68 31.73
N7A FAD C . 11.56 -2.71 33.05
C5A FAD C . 11.95 -1.55 33.58
C6A FAD C . 11.91 -1.06 34.88
N6A FAD C . 11.46 -1.62 36.13
N1A FAD C . 12.36 0.16 35.16
C2A FAD C . 12.85 0.94 34.16
N3A FAD C . 12.90 0.47 32.89
C4A FAD C . 12.43 -0.78 32.59
N1 FAD C . 6.55 -4.24 16.29
C2 FAD C . 6.05 -3.65 15.04
O2 FAD C . 5.14 -2.92 15.00
N3 FAD C . 6.71 -4.01 13.79
C4 FAD C . 7.82 -4.93 13.78
O4 FAD C . 8.34 -5.19 12.76
C4X FAD C . 8.30 -5.54 15.05
N5 FAD C . 9.45 -6.44 15.03
C5X FAD C . 9.93 -7.00 16.32
C6 FAD C . 11.02 -7.88 16.31
C7 FAD C . 11.47 -8.43 17.51
C7M FAD C . 12.67 -9.37 17.35
C8 FAD C . 10.85 -8.10 18.71
C8M FAD C . 11.33 -8.68 20.04
C9 FAD C . 9.77 -7.22 18.74
C9A FAD C . 9.31 -6.67 17.53
N10 FAD C . 8.13 -5.73 17.53
C10 FAD C . 7.66 -5.17 16.28
C1' FAD C . 7.42 -5.36 18.78
C2' FAD C . 7.85 -3.98 19.25
O2' FAD C . 9.23 -3.99 19.45
C3' FAD C . 7.21 -3.75 20.60
O3' FAD C . 5.84 -3.75 20.43
C4' FAD C . 7.52 -2.34 21.05
O4' FAD C . 8.88 -2.12 21.13
C5' FAD C . 6.86 -2.23 22.43
O5' FAD C . 7.05 -0.92 22.88
P FAD C . 6.94 -0.70 24.50
O1P FAD C . 7.22 0.78 24.72
O2P FAD C . 5.55 -1.13 24.93
O3P FAD C . 8.02 -1.71 25.29
PA FAD D . -4.56 -0.01 -26.49
O1A FAD D . -3.57 0.99 -26.97
O2A FAD D . -4.05 -0.77 -25.30
O5B FAD D . -4.94 -1.07 -27.70
C5B FAD D . -5.72 -0.69 -28.81
C4B FAD D . -5.45 -1.79 -29.89
O4B FAD D . -6.20 -1.62 -30.94
C3B FAD D . -3.98 -1.63 -30.35
O3B FAD D . -3.26 -2.78 -30.27
C2B FAD D . -4.11 -1.12 -31.80
O2B FAD D . -2.90 -1.61 -32.52
C1B FAD D . -5.23 -1.60 -32.26
N9A FAD D . -5.86 -0.73 -33.25
C8A FAD D . -5.75 0.59 -33.42
N7A FAD D . -6.53 0.96 -34.44
C5A FAD D . -7.13 -0.14 -34.92
C6A FAD D . -8.01 -0.32 -35.95
N6A FAD D . -8.62 0.60 -36.90
N1A FAD D . -8.48 -1.53 -36.23
C2A FAD D . -8.08 -2.59 -35.49
N3A FAD D . -7.20 -2.42 -34.49
C4A FAD D . -6.73 -1.19 -34.19
N1 FAD D . -1.22 2.69 -17.84
C2 FAD D . -1.22 2.30 -16.44
O2 FAD D . -2.25 2.16 -15.89
N3 FAD D . 0.06 2.09 -15.72
C4 FAD D . 1.31 2.28 -16.40
O4 FAD D . 2.34 2.11 -15.87
C4X FAD D . 1.29 2.68 -17.83
N5 FAD D . 2.56 2.87 -18.50
C5X FAD D . 2.58 3.26 -19.92
C6 FAD D . 3.81 3.43 -20.55
C7 FAD D . 3.84 3.81 -21.89
C7M FAD D . 5.27 3.96 -22.47
C8 FAD D . 2.64 4.01 -22.57
C8M FAD D . 2.61 4.42 -24.03
C9 FAD D . 1.40 3.84 -21.95
C9A FAD D . 1.37 3.47 -20.60
N10 FAD D . 0.06 3.29 -19.90
C10 FAD D . 0.05 2.88 -18.52
C1' FAD D . -1.23 3.49 -20.58
C2' FAD D . -1.88 2.17 -20.98
O2' FAD D . -0.97 1.45 -21.75
C3' FAD D . -3.06 2.58 -21.85
O3' FAD D . -3.86 3.49 -21.17
C4' FAD D . -3.88 1.36 -22.24
O4' FAD D . -3.09 0.51 -23.01
C5' FAD D . -5.06 1.84 -23.10
O5' FAD D . -5.78 0.67 -23.36
P FAD D . -6.76 0.63 -24.67
O1P FAD D . -7.30 -0.79 -24.77
O2P FAD D . -7.82 1.73 -24.61
O3P FAD D . -5.85 0.92 -26.03
#